data_9QA6
#
_entry.id   9QA6
#
_cell.length_a   1.00
_cell.length_b   1.00
_cell.length_c   1.00
_cell.angle_alpha   90.00
_cell.angle_beta   90.00
_cell.angle_gamma   90.00
#
_symmetry.space_group_name_H-M   'P 1'
#
loop_
_entity.id
_entity.type
_entity.pdbx_description
1 polymer 'IgA protease'
2 non-polymer 'ZINC ION'
3 non-polymer GLYCEROL
4 non-polymer 'AZIDE ION'
5 water water
#
_entity_poly.entity_id   1
_entity_poly.type   'polypeptide(L)'
_entity_poly.pdbx_seq_one_letter_code
;MASKPDIKVGDYVKMGVYNNASILWRCVSIDNNGPLMLADKIVDTLAYDAKTNDNSNSKSHSRSYKRDDYGSNYWKDSNM
RSWLNSTAAEGKVDWLCGNPPKDGYVSGVGAYNEKAGFLNAFSKSEIAAMKTVTQRSLVSHPEYNKGIVDGDANSDLLYY
TDISEAVANYDSSYFETTTEKVFLLDVKQANAVWKNLKGYYVAYNNDGMAWPYWLRTPVTD(CME)NHDMRYISSSGQVG
RYAPWYSDLGVRPAFYLDSEYFVTTSGSGSQSSPYIGSAPNKQEDDYTISEPAEDANPDWNVSTEQSIQLTLGPWYSNDG
KYSNPTIPVYTIQKTRSDTENMVVVVCGEGYTKSQQGKFINDVKRLWQDAMKYEPYRSYADRFNVYALCTASESTFDNGG
STFFDVIVDKYNSPVISNNLHGSQWKNHIFERCIGPEFIEKIHDAHIKKKCDPNTIPSGSEYEPYYYVHDYIAQFAMVVN
TKSDFGGAYNNREYGFHYFISPSDSYRASKTFAHAFGHGLLGLGDEYSNGYLLDDKELKSLNLSSVEDPEKIKWRQLLGF
RNTYTCRNAYGSKMLVSSYECIMRDTNYQFCEVCRLQGFKRMSQLVKDVDLYVATPEVKEYTGAYSKPSDFTDLETSSYY
NYTYNRNDRLLSGNSKSRFNTNMNGKKIELRTVIQNISDKNARQLKFKMWIKHSDGSVATDSSGNPLQTVQTFDIPVWND
KANFWPLGALDHIKSDFNSGLKSCSLIYQIPSDAQLKSGDTVAFQVLDENGNVLADDNTETQRYTTVSIQYKFEDGSEIP
NTAGGTFTVPYGTKLDLTPAKTLYDYEFIKVDGLNKPIVSDGTVVTYYYKNKNEEHTHNLTLVAAKAATCTTAGNSAYYT
CDGCDKWFADATGSVEITDKTSVKIPAPGHTAGTEWKSDDTNHWHECTVAGCGVIIESTKSAHTAGEWIVDTPATATTAG
TKHKECTVCHRVLETQPIPSTGTELKIIAGDNQIYNKASGSDVTITCNGDFAKFTGIKVDGSVVDSSNYTAVSGSTVLTL
KASYLGTLTDGSHTITFVYTDGEANANLTVRTAGSGHIHDYGTEWKSNADNHWHECNCGDKKDEAAHSFKWVVDKEATAT
KKGSKHEECKICGYKRSAVEILEHHHHHH
;
_entity_poly.pdbx_strand_id   A
#
loop_
_chem_comp.id
_chem_comp.type
_chem_comp.name
_chem_comp.formula
AZI non-polymer 'AZIDE ION' 'N3 -1'
GOL non-polymer GLYCEROL 'C3 H8 O3'
ZN non-polymer 'ZINC ION' 'Zn 2'
#
# COMPACT_ATOMS: atom_id res chain seq x y z
N SER A 3 35.28 27.34 -19.35
CA SER A 3 35.53 26.79 -18.03
C SER A 3 34.30 26.06 -17.50
N LYS A 4 34.49 25.23 -16.48
CA LYS A 4 33.39 24.63 -15.76
C LYS A 4 33.30 25.28 -14.39
N PRO A 5 32.27 26.04 -14.08
CA PRO A 5 32.28 26.86 -12.88
C PRO A 5 32.02 26.01 -11.63
N ASP A 6 32.40 26.58 -10.48
CA ASP A 6 31.94 26.09 -9.20
C ASP A 6 30.88 27.09 -8.71
N ILE A 7 29.69 26.61 -8.45
CA ILE A 7 28.58 27.49 -8.08
C ILE A 7 28.52 27.58 -6.57
N LYS A 8 28.64 28.80 -6.08
CA LYS A 8 28.66 29.17 -4.68
C LYS A 8 27.34 29.85 -4.35
N VAL A 9 27.05 30.00 -3.06
CA VAL A 9 25.91 30.82 -2.68
C VAL A 9 26.23 32.27 -2.99
N GLY A 10 25.35 32.93 -3.74
CA GLY A 10 25.61 34.26 -4.22
C GLY A 10 26.12 34.32 -5.64
N ASP A 11 26.30 33.18 -6.30
CA ASP A 11 26.68 33.19 -7.71
C ASP A 11 25.55 33.71 -8.56
N TYR A 12 25.89 34.47 -9.60
CA TYR A 12 24.91 35.02 -10.52
C TYR A 12 25.14 34.41 -11.90
N VAL A 13 24.10 33.81 -12.48
CA VAL A 13 24.15 33.27 -13.82
C VAL A 13 23.11 34.00 -14.67
N LYS A 14 23.38 34.14 -15.96
CA LYS A 14 22.47 34.82 -16.87
C LYS A 14 22.00 33.80 -17.91
N MET A 15 20.93 33.07 -17.59
CA MET A 15 20.40 32.03 -18.45
C MET A 15 18.96 32.34 -18.83
N GLY A 16 18.65 32.20 -20.11
CA GLY A 16 17.30 32.37 -20.60
C GLY A 16 16.95 33.83 -20.84
N VAL A 17 15.89 34.03 -21.62
CA VAL A 17 15.40 35.36 -21.94
C VAL A 17 13.88 35.40 -21.73
N TYR A 18 13.42 36.39 -20.98
CA TYR A 18 12.00 36.68 -20.82
C TYR A 18 11.82 38.16 -21.06
N ASN A 19 10.80 38.53 -21.84
CA ASN A 19 10.51 39.93 -22.14
C ASN A 19 11.73 40.61 -22.77
N ASN A 20 12.48 39.85 -23.56
CA ASN A 20 13.63 40.35 -24.30
C ASN A 20 14.72 40.89 -23.37
N ALA A 21 14.85 40.30 -22.20
CA ALA A 21 15.93 40.59 -21.28
C ALA A 21 16.36 39.28 -20.64
N SER A 22 17.65 38.99 -20.68
CA SER A 22 18.12 37.77 -20.07
C SER A 22 17.90 37.81 -18.57
N ILE A 23 17.53 36.68 -18.00
CA ILE A 23 17.12 36.59 -16.61
C ILE A 23 18.35 36.36 -15.75
N LEU A 24 18.64 37.30 -14.85
CA LEU A 24 19.72 37.09 -13.89
C LEU A 24 19.21 36.23 -12.75
N TRP A 25 19.73 35.01 -12.67
CA TRP A 25 19.43 34.08 -11.59
C TRP A 25 20.58 34.12 -10.59
N ARG A 26 20.26 33.92 -9.32
CA ARG A 26 21.27 33.87 -8.27
C ARG A 26 21.12 32.56 -7.50
N CYS A 27 22.23 31.87 -7.28
CA CYS A 27 22.24 30.64 -6.51
C CYS A 27 22.08 30.95 -5.02
N VAL A 28 20.85 30.89 -4.54
CA VAL A 28 20.51 31.29 -3.19
C VAL A 28 20.96 30.26 -2.17
N SER A 29 20.80 28.97 -2.46
CA SER A 29 21.15 27.92 -1.52
C SER A 29 21.74 26.73 -2.28
N ILE A 30 22.57 25.96 -1.59
CA ILE A 30 23.06 24.69 -2.08
C ILE A 30 22.46 23.60 -1.20
N ASP A 31 21.81 22.62 -1.84
CA ASP A 31 21.15 21.57 -1.09
C ASP A 31 21.24 20.28 -1.91
N ASN A 32 20.60 19.23 -1.40
CA ASN A 32 20.87 17.89 -1.89
C ASN A 32 20.58 17.76 -3.38
N ASN A 33 19.50 18.37 -3.87
CA ASN A 33 19.16 18.23 -5.28
C ASN A 33 20.18 18.94 -6.16
N GLY A 34 20.74 20.06 -5.70
CA GLY A 34 21.74 20.78 -6.45
C GLY A 34 21.90 22.20 -5.95
N PRO A 35 22.58 23.06 -6.70
CA PRO A 35 22.52 24.49 -6.43
C PRO A 35 21.18 25.04 -6.89
N LEU A 36 20.63 25.96 -6.09
CA LEU A 36 19.29 26.49 -6.33
C LEU A 36 19.38 27.90 -6.88
N MET A 37 18.86 28.11 -8.07
CA MET A 37 18.90 29.37 -8.79
C MET A 37 17.55 30.04 -8.72
N LEU A 38 17.53 31.29 -8.27
CA LEU A 38 16.30 32.04 -8.08
C LEU A 38 16.39 33.32 -8.88
N ALA A 39 15.31 33.69 -9.57
CA ALA A 39 15.32 34.92 -10.33
C ALA A 39 15.64 36.10 -9.42
N ASP A 40 16.58 36.95 -9.85
CA ASP A 40 16.97 38.08 -9.02
C ASP A 40 15.81 39.03 -8.80
N LYS A 41 15.08 39.34 -9.85
CA LYS A 41 13.93 40.22 -9.79
C LYS A 41 12.70 39.47 -10.26
N ILE A 42 11.55 39.83 -9.71
CA ILE A 42 10.31 39.17 -10.09
C ILE A 42 10.17 39.29 -11.59
N VAL A 43 10.07 38.15 -12.28
CA VAL A 43 10.07 38.18 -13.75
C VAL A 43 8.82 38.87 -14.26
N ASP A 44 7.67 38.61 -13.65
CA ASP A 44 6.41 39.13 -14.13
C ASP A 44 5.44 39.13 -12.96
N THR A 45 4.34 39.85 -13.14
CA THR A 45 3.29 39.98 -12.15
C THR A 45 2.06 39.25 -12.69
N LEU A 46 1.83 38.03 -12.20
CA LEU A 46 0.79 37.15 -12.73
C LEU A 46 0.06 36.50 -11.56
N ALA A 47 -0.87 35.60 -11.88
CA ALA A 47 -1.73 34.96 -10.90
C ALA A 47 -1.42 33.48 -10.83
N TYR A 48 -1.36 32.93 -9.62
CA TYR A 48 -1.00 31.53 -9.45
C TYR A 48 -1.95 30.61 -10.20
N ASP A 49 -3.25 30.77 -9.99
CA ASP A 49 -4.26 29.92 -10.62
C ASP A 49 -5.55 30.70 -10.72
N ALA A 50 -6.15 30.70 -11.91
CA ALA A 50 -7.39 31.41 -12.15
C ALA A 50 -8.57 30.68 -11.51
N LYS A 51 -9.71 31.36 -11.45
CA LYS A 51 -10.95 30.74 -11.01
C LYS A 51 -11.35 29.61 -11.94
N THR A 52 -12.24 28.75 -11.47
CA THR A 52 -12.72 27.63 -12.28
C THR A 52 -13.57 28.12 -13.43
N ASN A 53 -13.11 27.92 -14.67
CA ASN A 53 -13.86 28.35 -15.83
C ASN A 53 -14.26 27.14 -16.66
N ASP A 54 -13.31 26.32 -17.12
CA ASP A 54 -13.63 25.32 -18.13
C ASP A 54 -14.13 24.02 -17.52
N ASN A 55 -13.28 23.30 -16.79
CA ASN A 55 -13.67 22.02 -16.21
C ASN A 55 -13.70 22.14 -14.70
N SER A 56 -14.83 21.76 -14.10
CA SER A 56 -15.02 21.75 -12.66
C SER A 56 -15.23 20.34 -12.12
N ASN A 57 -15.06 19.33 -12.96
CA ASN A 57 -15.25 17.93 -12.55
C ASN A 57 -14.00 17.09 -12.67
N SER A 58 -12.87 17.69 -13.06
CA SER A 58 -11.61 16.97 -13.18
C SER A 58 -10.48 17.77 -12.54
N LYS A 59 -9.63 17.07 -11.80
CA LYS A 59 -8.41 17.62 -11.23
C LYS A 59 -8.72 18.62 -10.10
N SER A 60 -7.83 19.59 -9.85
CA SER A 60 -7.84 20.29 -8.57
C SER A 60 -9.14 21.04 -8.34
N HIS A 61 -9.68 21.68 -9.38
CA HIS A 61 -10.85 22.50 -9.19
C HIS A 61 -12.07 21.68 -8.81
N SER A 62 -12.01 20.36 -9.05
CA SER A 62 -13.11 19.48 -8.67
C SER A 62 -13.17 19.27 -7.16
N ARG A 63 -12.02 19.23 -6.49
CA ARG A 63 -11.99 18.75 -5.11
C ARG A 63 -12.59 19.76 -4.13
N SER A 64 -12.62 21.04 -4.48
CA SER A 64 -13.32 22.04 -3.68
C SER A 64 -14.09 22.95 -4.61
N TYR A 65 -15.32 23.29 -4.22
CA TYR A 65 -16.14 24.15 -5.06
C TYR A 65 -15.88 25.62 -4.76
N LYS A 66 -15.15 25.90 -3.68
CA LYS A 66 -14.71 27.27 -3.43
C LYS A 66 -13.61 27.70 -4.37
N ARG A 67 -13.05 26.78 -5.15
CA ARG A 67 -12.01 27.14 -6.10
C ARG A 67 -12.62 27.76 -7.35
N ASP A 68 -13.93 27.64 -7.52
CA ASP A 68 -14.62 28.45 -8.51
C ASP A 68 -14.50 29.92 -8.18
N ASP A 69 -14.61 30.24 -6.89
CA ASP A 69 -14.56 31.62 -6.44
C ASP A 69 -13.16 32.19 -6.47
N TYR A 70 -12.15 31.41 -6.08
CA TYR A 70 -10.84 31.97 -5.77
C TYR A 70 -9.67 31.36 -6.54
N GLY A 71 -9.82 30.18 -7.12
CA GLY A 71 -8.67 29.47 -7.66
C GLY A 71 -8.26 28.32 -6.78
N SER A 72 -7.27 27.55 -7.26
CA SER A 72 -6.86 26.31 -6.62
C SER A 72 -5.46 26.44 -6.06
N ASN A 73 -5.26 25.99 -4.82
CA ASN A 73 -3.91 26.05 -4.27
C ASN A 73 -3.12 24.76 -4.51
N TYR A 74 -3.57 23.88 -5.41
CA TYR A 74 -2.80 22.72 -5.83
C TYR A 74 -1.71 23.14 -6.80
N TRP A 75 -0.46 22.79 -6.50
CA TRP A 75 0.68 23.21 -7.31
C TRP A 75 0.81 22.39 -8.58
N LYS A 76 0.51 21.09 -8.52
CA LYS A 76 0.75 20.23 -9.67
C LYS A 76 -0.11 20.64 -10.85
N ASP A 77 -1.35 21.05 -10.59
CA ASP A 77 -2.30 21.45 -11.61
C ASP A 77 -2.20 22.92 -12.01
N SER A 78 -1.42 23.71 -11.28
CA SER A 78 -1.60 25.15 -11.29
C SER A 78 -1.34 25.74 -12.67
N ASN A 79 -1.91 26.93 -12.89
CA ASN A 79 -1.54 27.69 -14.07
C ASN A 79 -0.09 28.14 -13.99
N MET A 80 0.43 28.30 -12.78
CA MET A 80 1.81 28.73 -12.63
C MET A 80 2.79 27.61 -12.99
N ARG A 81 2.54 26.39 -12.52
CA ARG A 81 3.41 25.28 -12.90
C ARG A 81 3.37 25.06 -14.40
N SER A 82 2.17 25.15 -14.98
CA SER A 82 2.00 24.92 -16.42
C SER A 82 2.73 25.98 -17.24
N TRP A 83 2.66 27.24 -16.82
CA TRP A 83 3.34 28.30 -17.58
C TRP A 83 4.85 28.28 -17.34
N LEU A 84 5.28 28.05 -16.11
CA LEU A 84 6.70 28.10 -15.81
C LEU A 84 7.45 26.98 -16.52
N ASN A 85 6.81 25.82 -16.66
CA ASN A 85 7.45 24.65 -17.25
C ASN A 85 6.97 24.37 -18.67
N SER A 86 6.58 25.40 -19.42
CA SER A 86 6.13 25.24 -20.80
C SER A 86 7.10 25.92 -21.74
N THR A 87 7.38 25.25 -22.86
CA THR A 87 8.12 25.83 -23.98
C THR A 87 7.18 26.25 -25.11
N ALA A 88 5.88 26.23 -24.86
CA ALA A 88 4.90 26.26 -25.94
C ALA A 88 4.80 27.62 -26.60
N ALA A 89 4.41 27.59 -27.87
CA ALA A 89 4.13 28.80 -28.62
C ALA A 89 2.83 29.43 -28.11
N GLU A 90 2.65 30.70 -28.43
CA GLU A 90 1.58 31.48 -27.83
C GLU A 90 0.21 30.91 -28.18
N GLY A 91 -0.64 30.80 -27.16
CA GLY A 91 -1.95 30.21 -27.31
C GLY A 91 -1.99 28.70 -27.21
N LYS A 92 -0.87 28.06 -26.84
CA LYS A 92 -0.80 26.62 -26.81
C LYS A 92 -0.27 26.05 -25.50
N VAL A 93 -0.06 26.88 -24.47
CA VAL A 93 0.39 26.32 -23.21
C VAL A 93 -0.67 25.37 -22.71
N ASP A 94 -0.26 24.13 -22.44
CA ASP A 94 -1.16 23.22 -21.75
C ASP A 94 -1.40 23.75 -20.35
N TRP A 95 -2.65 23.94 -20.00
CA TRP A 95 -2.99 24.34 -18.65
C TRP A 95 -3.46 23.09 -17.95
N LEU A 96 -2.64 22.61 -17.01
CA LEU A 96 -2.78 21.24 -16.51
C LEU A 96 -4.12 21.05 -15.82
N CYS A 97 -4.60 22.06 -15.09
CA CYS A 97 -5.84 21.88 -14.36
C CYS A 97 -7.04 21.93 -15.29
N GLY A 98 -6.87 22.44 -16.50
CA GLY A 98 -7.96 22.53 -17.45
C GLY A 98 -8.76 23.81 -17.36
N ASN A 99 -8.44 24.68 -16.41
CA ASN A 99 -9.03 26.00 -16.35
C ASN A 99 -7.95 27.00 -16.67
N PRO A 100 -7.90 27.55 -17.88
CA PRO A 100 -6.79 28.42 -18.28
C PRO A 100 -6.90 29.77 -17.61
N PRO A 101 -5.81 30.56 -17.61
CA PRO A 101 -5.88 31.91 -17.01
C PRO A 101 -6.57 32.90 -17.95
N LYS A 102 -7.84 32.65 -18.20
CA LYS A 102 -8.61 33.42 -19.15
C LYS A 102 -9.09 34.72 -18.52
N ASP A 103 -9.60 35.61 -19.37
CA ASP A 103 -10.01 36.92 -18.90
C ASP A 103 -11.25 36.79 -18.01
N GLY A 104 -11.25 37.49 -16.89
CA GLY A 104 -12.33 37.43 -15.94
C GLY A 104 -12.19 36.35 -14.89
N TYR A 105 -11.20 35.47 -15.02
CA TYR A 105 -10.90 34.47 -14.02
C TYR A 105 -9.61 34.75 -13.27
N VAL A 106 -8.77 35.61 -13.83
CA VAL A 106 -7.67 36.24 -13.10
C VAL A 106 -8.04 37.69 -12.91
N SER A 107 -7.88 38.19 -11.69
CA SER A 107 -8.35 39.52 -11.36
C SER A 107 -7.65 40.58 -12.21
N GLY A 108 -8.39 41.63 -12.55
CA GLY A 108 -7.81 42.71 -13.32
C GLY A 108 -7.55 42.31 -14.77
N VAL A 109 -6.49 42.90 -15.32
CA VAL A 109 -6.18 42.66 -16.73
C VAL A 109 -5.78 41.19 -16.96
N GLY A 110 -4.90 40.66 -16.11
CA GLY A 110 -4.62 39.23 -16.09
C GLY A 110 -4.24 38.69 -17.46
N ALA A 111 -5.02 37.70 -17.91
CA ALA A 111 -4.99 37.23 -19.29
C ALA A 111 -3.62 36.72 -19.70
N TYR A 112 -3.04 35.83 -18.91
CA TYR A 112 -1.80 35.25 -19.38
C TYR A 112 -2.01 33.91 -20.08
N ASN A 113 -3.25 33.52 -20.31
CA ASN A 113 -3.52 32.62 -21.41
C ASN A 113 -3.29 33.40 -22.70
N GLU A 114 -2.79 32.71 -23.72
CA GLU A 114 -2.21 33.25 -24.96
C GLU A 114 -0.78 33.71 -24.76
N LYS A 115 -0.23 33.65 -23.55
CA LYS A 115 1.15 34.02 -23.35
C LYS A 115 2.03 32.79 -23.51
N ALA A 116 3.16 32.98 -24.18
CA ALA A 116 4.09 31.88 -24.40
C ALA A 116 4.66 31.41 -23.08
N GLY A 117 4.94 30.11 -23.02
CA GLY A 117 5.53 29.55 -21.83
C GLY A 117 6.83 30.25 -21.48
N PHE A 118 7.10 30.31 -20.18
CA PHE A 118 8.33 30.91 -19.69
C PHE A 118 9.54 30.34 -20.41
N LEU A 119 9.54 29.04 -20.66
CA LEU A 119 10.70 28.38 -21.23
C LEU A 119 10.74 28.50 -22.76
N ASN A 120 9.66 28.99 -23.39
CA ASN A 120 9.58 29.00 -24.85
C ASN A 120 10.69 29.81 -25.48
N ALA A 121 10.95 31.01 -24.95
CA ALA A 121 12.02 31.83 -25.52
C ALA A 121 13.40 31.27 -25.21
N PHE A 122 13.51 30.36 -24.25
CA PHE A 122 14.79 29.75 -23.92
C PHE A 122 15.24 28.81 -25.04
N SER A 123 16.56 28.64 -25.16
CA SER A 123 17.10 27.61 -26.04
C SER A 123 17.02 26.25 -25.37
N LYS A 124 17.15 25.19 -26.18
CA LYS A 124 17.06 23.83 -25.64
CA LYS A 124 17.04 23.84 -25.62
C LYS A 124 18.19 23.51 -24.68
N SER A 125 19.40 24.01 -24.98
CA SER A 125 20.52 23.77 -24.08
C SER A 125 20.27 24.38 -22.71
N GLU A 126 19.72 25.59 -22.68
CA GLU A 126 19.47 26.26 -21.41
C GLU A 126 18.49 25.48 -20.56
N ILE A 127 17.46 24.92 -21.18
CA ILE A 127 16.53 24.07 -20.46
C ILE A 127 17.22 22.81 -19.96
N ALA A 128 18.17 22.29 -20.73
CA ALA A 128 18.90 21.10 -20.27
C ALA A 128 19.63 21.36 -18.97
N ALA A 129 20.14 22.58 -18.78
CA ALA A 129 20.93 22.93 -17.60
C ALA A 129 20.11 23.00 -16.32
N MET A 130 18.79 22.94 -16.40
CA MET A 130 17.93 22.90 -15.23
C MET A 130 17.63 21.45 -14.92
N LYS A 131 18.08 21.00 -13.76
CA LYS A 131 17.91 19.62 -13.36
CA LYS A 131 17.91 19.62 -13.36
C LYS A 131 16.45 19.31 -13.09
N THR A 132 15.97 18.20 -13.66
CA THR A 132 14.63 17.74 -13.37
C THR A 132 14.60 17.13 -11.98
N VAL A 133 13.94 17.81 -11.05
CA VAL A 133 14.03 17.46 -9.64
C VAL A 133 12.65 17.07 -9.13
N THR A 134 12.64 16.06 -8.26
CA THR A 134 11.44 15.61 -7.58
C THR A 134 11.47 16.20 -6.18
N GLN A 135 10.52 17.08 -5.89
CA GLN A 135 10.47 17.77 -4.62
C GLN A 135 9.12 17.54 -3.97
N ARG A 136 9.13 17.53 -2.65
CA ARG A 136 7.90 17.57 -1.87
C ARG A 136 7.16 18.87 -2.10
N SER A 137 5.85 18.76 -2.28
CA SER A 137 4.96 19.90 -2.33
C SER A 137 3.84 19.62 -1.34
N LEU A 138 3.68 20.50 -0.36
CA LEU A 138 2.64 20.28 0.63
C LEU A 138 1.28 20.39 -0.04
N VAL A 139 0.32 19.61 0.46
CA VAL A 139 -1.00 19.52 -0.15
C VAL A 139 -2.03 20.08 0.81
N SER A 140 -3.06 20.69 0.24
CA SER A 140 -4.17 21.29 0.94
C SER A 140 -5.22 20.23 1.28
N HIS A 141 -6.20 20.61 2.08
CA HIS A 141 -7.18 19.63 2.56
C HIS A 141 -8.03 19.00 1.45
N PRO A 142 -8.42 19.69 0.38
CA PRO A 142 -9.09 18.97 -0.70
C PRO A 142 -8.24 17.83 -1.22
N GLU A 143 -6.93 18.02 -1.23
CA GLU A 143 -6.03 16.97 -1.71
C GLU A 143 -5.85 15.86 -0.68
N TYR A 144 -5.61 16.20 0.59
CA TYR A 144 -5.32 15.13 1.53
C TYR A 144 -6.56 14.40 2.03
N ASN A 145 -7.76 14.88 1.69
CA ASN A 145 -8.95 14.08 2.02
C ASN A 145 -9.42 13.24 0.85
N LYS A 146 -9.04 13.58 -0.37
CA LYS A 146 -9.21 12.67 -1.48
C LYS A 146 -8.01 11.73 -1.63
N GLY A 147 -7.15 11.68 -0.62
CA GLY A 147 -6.00 10.81 -0.62
C GLY A 147 -4.93 11.14 -1.63
N ILE A 148 -4.72 12.42 -1.91
CA ILE A 148 -3.69 12.80 -2.88
C ILE A 148 -2.44 13.17 -2.12
N VAL A 149 -1.66 12.16 -1.74
CA VAL A 149 -0.52 12.32 -0.85
C VAL A 149 0.49 11.24 -1.19
N ASP A 150 1.75 11.65 -1.39
CA ASP A 150 2.78 10.68 -1.74
C ASP A 150 3.40 10.04 -0.50
N GLY A 151 3.16 10.60 0.68
CA GLY A 151 3.81 10.16 1.89
C GLY A 151 2.89 10.04 3.08
N ASP A 152 3.47 9.57 4.20
CA ASP A 152 2.73 9.20 5.40
C ASP A 152 2.19 10.40 6.17
N ALA A 153 2.93 11.50 6.21
CA ALA A 153 2.80 12.54 7.23
C ALA A 153 1.41 13.18 7.33
N ASN A 154 0.95 13.42 8.57
CA ASN A 154 -0.47 13.65 8.84
C ASN A 154 -0.79 15.09 9.21
N SER A 155 0.20 15.95 9.43
CA SER A 155 -0.11 17.23 10.04
C SER A 155 -0.32 18.35 9.01
N ASP A 156 -1.15 19.32 9.37
CA ASP A 156 -1.28 20.58 8.63
C ASP A 156 -0.14 21.51 9.03
N LEU A 157 0.43 22.21 8.05
CA LEU A 157 1.48 23.16 8.37
C LEU A 157 0.93 24.27 9.25
N LEU A 158 1.66 24.55 10.33
CA LEU A 158 1.31 25.66 11.20
C LEU A 158 1.55 26.97 10.46
N TYR A 159 0.69 27.95 10.72
CA TYR A 159 0.77 29.22 10.01
C TYR A 159 1.49 30.24 10.90
N TYR A 160 2.74 30.52 10.57
CA TYR A 160 3.51 31.59 11.18
C TYR A 160 4.01 32.50 10.07
N THR A 161 3.76 33.81 10.21
CA THR A 161 4.02 34.72 9.11
C THR A 161 5.50 35.06 8.99
N ASP A 162 6.21 35.14 10.11
CA ASP A 162 7.63 35.46 10.05
C ASP A 162 8.39 34.34 9.36
N ILE A 163 9.43 34.71 8.60
CA ILE A 163 10.16 33.72 7.82
C ILE A 163 10.89 32.75 8.74
N SER A 164 11.32 33.22 9.92
CA SER A 164 11.95 32.33 10.89
C SER A 164 11.03 31.17 11.25
N GLU A 165 9.78 31.48 11.53
CA GLU A 165 8.84 30.49 12.03
C GLU A 165 7.97 29.87 10.95
N ALA A 166 8.14 30.28 9.69
CA ALA A 166 7.28 29.80 8.63
C ALA A 166 7.49 28.32 8.34
N VAL A 167 8.73 27.83 8.49
CA VAL A 167 9.05 26.45 8.14
C VAL A 167 8.45 25.43 9.09
N ALA A 168 7.88 25.87 10.20
CA ALA A 168 7.46 24.96 11.26
C ALA A 168 6.47 23.92 10.74
N ASN A 169 6.78 22.65 10.97
CA ASN A 169 5.97 21.47 10.66
C ASN A 169 6.09 21.02 9.20
N TYR A 170 6.95 21.63 8.38
CA TYR A 170 6.96 21.35 6.95
C TYR A 170 7.17 19.87 6.67
N ASP A 171 8.23 19.29 7.23
CA ASP A 171 8.57 17.92 6.91
C ASP A 171 7.55 16.94 7.47
N SER A 172 6.90 17.31 8.57
CA SER A 172 5.84 16.47 9.12
C SER A 172 4.50 16.71 8.42
N SER A 173 4.43 17.65 7.49
CA SER A 173 3.15 18.04 6.90
C SER A 173 2.78 17.16 5.71
N TYR A 174 1.49 17.20 5.35
CA TYR A 174 0.99 16.47 4.19
C TYR A 174 1.74 16.90 2.95
N PHE A 175 2.09 15.93 2.11
CA PHE A 175 2.87 16.26 0.92
C PHE A 175 2.60 15.27 -0.19
N GLU A 176 2.90 15.70 -1.40
CA GLU A 176 3.05 14.83 -2.56
C GLU A 176 4.24 15.32 -3.36
N THR A 177 4.91 14.41 -4.05
CA THR A 177 6.14 14.72 -4.74
C THR A 177 5.86 15.03 -6.21
N THR A 178 6.38 16.17 -6.67
CA THR A 178 6.19 16.65 -8.03
C THR A 178 7.55 16.89 -8.65
N THR A 179 7.73 16.52 -9.91
CA THR A 179 9.03 16.64 -10.57
C THR A 179 8.95 17.66 -11.71
N GLU A 180 9.79 18.68 -11.65
CA GLU A 180 9.79 19.72 -12.67
C GLU A 180 11.11 20.46 -12.64
N LYS A 181 11.42 21.12 -13.76
CA LYS A 181 12.65 21.90 -13.86
C LYS A 181 12.50 23.26 -13.19
N VAL A 182 11.40 23.96 -13.46
CA VAL A 182 11.18 25.32 -12.98
C VAL A 182 10.04 25.31 -11.97
N PHE A 183 10.28 25.85 -10.78
CA PHE A 183 9.33 25.82 -9.67
C PHE A 183 9.40 27.11 -8.88
N LEU A 184 8.29 27.50 -8.26
CA LEU A 184 8.32 28.59 -7.30
C LEU A 184 8.75 28.05 -5.93
N LEU A 185 9.40 28.90 -5.15
CA LEU A 185 10.01 28.45 -3.90
C LEU A 185 8.96 28.08 -2.87
N ASP A 186 9.25 27.04 -2.07
CA ASP A 186 8.41 26.71 -0.94
C ASP A 186 8.92 27.42 0.32
N VAL A 187 8.21 27.21 1.44
CA VAL A 187 8.54 27.92 2.67
C VAL A 187 9.93 27.55 3.16
N LYS A 188 10.26 26.25 3.11
CA LYS A 188 11.59 25.79 3.52
C LYS A 188 12.67 26.44 2.68
N GLN A 189 12.45 26.52 1.36
CA GLN A 189 13.45 27.10 0.47
C GLN A 189 13.51 28.61 0.60
N ALA A 190 12.39 29.26 0.89
CA ALA A 190 12.42 30.69 1.13
C ALA A 190 13.20 31.02 2.39
N ASN A 191 13.02 30.22 3.45
CA ASN A 191 13.80 30.42 4.66
C ASN A 191 15.27 30.10 4.43
N ALA A 192 15.57 29.14 3.56
CA ALA A 192 16.95 28.90 3.16
C ALA A 192 17.55 30.10 2.45
N VAL A 193 16.79 30.70 1.53
CA VAL A 193 17.24 31.92 0.87
C VAL A 193 17.51 32.98 1.92
N TRP A 194 16.63 33.10 2.92
CA TRP A 194 16.83 34.07 3.98
C TRP A 194 18.13 33.84 4.71
N LYS A 195 18.33 32.62 5.22
CA LYS A 195 19.51 32.30 6.01
C LYS A 195 20.77 32.61 5.22
N ASN A 196 20.84 32.09 3.99
CA ASN A 196 22.09 32.25 3.24
C ASN A 196 22.30 33.70 2.78
N LEU A 197 21.25 34.40 2.36
CA LEU A 197 21.42 35.66 1.65
C LEU A 197 20.74 36.87 2.30
N LYS A 198 20.48 36.84 3.60
CA LYS A 198 20.03 38.02 4.35
C LYS A 198 18.68 38.48 3.80
N GLY A 199 18.55 39.73 3.31
CA GLY A 199 17.26 40.30 2.97
C GLY A 199 16.80 40.02 1.55
N TYR A 200 17.52 39.17 0.82
CA TYR A 200 17.19 38.82 -0.55
C TYR A 200 15.85 38.11 -0.66
N TYR A 201 15.28 37.64 0.44
CA TYR A 201 13.99 36.97 0.36
C TYR A 201 12.87 37.98 0.10
N VAL A 202 13.13 39.27 0.30
CA VAL A 202 12.20 40.28 -0.19
C VAL A 202 12.53 40.58 -1.64
N ALA A 203 11.55 40.43 -2.51
CA ALA A 203 11.76 40.60 -3.93
C ALA A 203 11.75 42.07 -4.31
N TYR A 204 12.30 42.37 -5.49
CA TYR A 204 12.29 43.71 -6.05
C TYR A 204 11.99 43.59 -7.54
N ASN A 205 11.13 44.46 -8.05
CA ASN A 205 10.81 44.38 -9.47
C ASN A 205 11.72 45.32 -10.26
N ASN A 206 11.42 45.45 -11.56
CA ASN A 206 12.30 46.21 -12.43
C ASN A 206 12.36 47.69 -12.04
N ASP A 207 11.25 48.22 -11.53
CA ASP A 207 11.26 49.57 -10.98
C ASP A 207 12.21 49.67 -9.79
N GLY A 208 12.38 48.57 -9.06
CA GLY A 208 13.12 48.57 -7.82
C GLY A 208 12.27 48.64 -6.57
N MET A 209 10.97 48.86 -6.71
CA MET A 209 10.07 48.80 -5.57
C MET A 209 9.81 47.36 -5.16
N ALA A 210 9.75 47.12 -3.85
CA ALA A 210 9.56 45.79 -3.33
C ALA A 210 8.20 45.26 -3.74
N TRP A 211 8.16 44.00 -4.15
CA TRP A 211 6.93 43.45 -4.65
C TRP A 211 6.65 42.10 -4.00
N PRO A 212 5.38 41.79 -3.75
CA PRO A 212 5.03 40.46 -3.26
C PRO A 212 5.33 39.39 -4.30
N TYR A 213 5.75 38.21 -3.85
CA TYR A 213 5.99 37.10 -4.77
C TYR A 213 5.38 35.81 -4.24
N TRP A 214 4.75 35.08 -5.16
CA TRP A 214 4.07 33.83 -4.84
C TRP A 214 5.06 32.76 -4.40
N LEU A 215 4.60 31.88 -3.51
CA LEU A 215 5.31 30.66 -3.15
C LEU A 215 4.40 29.48 -3.39
N ARG A 216 4.98 28.31 -3.64
CA ARG A 216 4.19 27.14 -3.98
C ARG A 216 3.58 26.45 -2.77
N THR A 217 3.88 26.87 -1.56
CA THR A 217 3.26 26.25 -0.40
C THR A 217 1.82 26.73 -0.27
N PRO A 218 0.85 25.83 -0.20
CA PRO A 218 -0.54 26.24 0.01
C PRO A 218 -0.82 26.47 1.47
N VAL A 219 -1.95 27.11 1.75
CA VAL A 219 -2.48 27.16 3.11
C VAL A 219 -3.20 25.83 3.30
N THR A 220 -2.60 24.97 4.11
CA THR A 220 -3.03 23.59 4.21
C THR A 220 -4.43 23.48 4.79
N ASP A 221 -4.84 24.47 5.59
CA ASP A 221 -6.17 24.45 6.19
C ASP A 221 -7.24 24.97 5.23
N CME A 222 -6.81 25.71 4.21
CA CME A 222 -7.73 26.38 3.29
CB CME A 222 -7.30 27.83 3.11
SG CME A 222 -8.49 28.80 2.10
SD CME A 222 -9.82 29.50 3.48
CE CME A 222 -11.20 28.33 3.38
CZ CME A 222 -12.50 28.85 3.95
OH CME A 222 -12.24 29.97 4.78
C CME A 222 -7.75 25.65 1.97
O CME A 222 -6.83 24.95 1.65
N ASN A 223 -8.80 25.86 1.19
CA ASN A 223 -8.92 25.17 -0.09
C ASN A 223 -8.42 26.00 -1.26
N HIS A 224 -8.34 27.31 -1.10
CA HIS A 224 -7.94 28.17 -2.21
C HIS A 224 -6.66 28.97 -1.97
N ASP A 225 -6.25 29.19 -0.73
CA ASP A 225 -5.25 30.22 -0.45
C ASP A 225 -3.82 29.71 -0.58
N MET A 226 -2.93 30.60 -1.01
CA MET A 226 -1.54 30.26 -1.27
C MET A 226 -0.61 31.17 -0.47
N ARG A 227 0.42 30.57 0.10
CA ARG A 227 1.40 31.35 0.84
C ARG A 227 2.26 32.14 -0.13
N TYR A 228 2.61 33.36 0.28
CA TYR A 228 3.31 34.33 -0.55
C TYR A 228 4.21 35.16 0.34
N ILE A 229 5.24 35.74 -0.26
CA ILE A 229 6.19 36.60 0.45
C ILE A 229 5.89 38.04 0.06
N SER A 230 5.60 38.89 1.05
CA SER A 230 5.17 40.25 0.78
C SER A 230 6.36 41.23 0.78
N SER A 231 6.04 42.50 0.49
CA SER A 231 7.07 43.53 0.41
C SER A 231 7.77 43.71 1.75
N SER A 232 7.01 43.67 2.84
CA SER A 232 7.61 43.78 4.17
C SER A 232 8.52 42.61 4.46
N GLY A 233 8.12 41.42 4.05
CA GLY A 233 8.93 40.23 4.27
C GLY A 233 8.15 39.17 5.01
N GLN A 234 6.85 39.38 5.12
CA GLN A 234 5.96 38.50 5.85
C GLN A 234 5.43 37.42 4.92
N VAL A 235 5.65 36.16 5.28
CA VAL A 235 4.91 35.10 4.62
C VAL A 235 3.44 35.28 4.99
N GLY A 236 2.57 35.16 4.00
CA GLY A 236 1.15 35.42 4.19
C GLY A 236 0.34 34.58 3.24
N ARG A 237 -0.97 34.77 3.28
CA ARG A 237 -1.90 34.03 2.44
C ARG A 237 -2.59 34.98 1.47
N TYR A 238 -2.57 34.63 0.19
CA TYR A 238 -3.31 35.38 -0.81
C TYR A 238 -4.15 34.42 -1.64
N ALA A 239 -5.32 34.89 -2.04
CA ALA A 239 -6.14 34.14 -2.97
C ALA A 239 -5.41 34.04 -4.30
N PRO A 240 -5.40 32.86 -4.94
CA PRO A 240 -4.48 32.65 -6.05
C PRO A 240 -4.95 33.24 -7.35
N TRP A 241 -6.16 33.79 -7.41
CA TRP A 241 -6.65 34.31 -8.68
C TRP A 241 -6.05 35.68 -8.98
N TYR A 242 -5.60 36.38 -7.96
CA TYR A 242 -5.16 37.77 -8.14
C TYR A 242 -3.88 37.86 -8.95
N SER A 243 -3.83 38.85 -9.84
CA SER A 243 -2.69 39.08 -10.70
C SER A 243 -1.71 40.11 -10.16
N ASP A 244 -1.91 40.62 -8.94
CA ASP A 244 -1.00 41.61 -8.38
C ASP A 244 0.36 41.02 -8.07
N LEU A 245 0.41 39.74 -7.75
CA LEU A 245 1.59 39.20 -7.10
C LEU A 245 2.59 38.70 -8.12
N GLY A 246 3.86 38.72 -7.75
CA GLY A 246 4.92 38.46 -8.70
C GLY A 246 5.31 36.99 -8.78
N VAL A 247 6.03 36.68 -9.85
CA VAL A 247 6.61 35.36 -10.09
C VAL A 247 8.12 35.46 -9.92
N ARG A 248 8.68 34.64 -9.04
CA ARG A 248 10.12 34.54 -8.85
C ARG A 248 10.51 33.08 -9.04
N PRO A 249 10.65 32.65 -10.29
CA PRO A 249 10.93 31.24 -10.56
C PRO A 249 12.32 30.82 -10.09
N ALA A 250 12.46 29.53 -9.79
CA ALA A 250 13.71 28.94 -9.32
C ALA A 250 13.90 27.58 -9.95
N PHE A 251 15.14 27.29 -10.35
CA PHE A 251 15.49 25.97 -10.87
C PHE A 251 16.73 25.46 -10.14
N TYR A 252 17.05 24.20 -10.35
CA TYR A 252 18.24 23.59 -9.77
C TYR A 252 19.24 23.36 -10.89
N LEU A 253 20.43 23.94 -10.78
CA LEU A 253 21.41 23.79 -11.84
C LEU A 253 21.96 22.37 -11.86
N ASP A 254 22.09 21.80 -13.06
CA ASP A 254 22.77 20.51 -13.24
C ASP A 254 24.25 20.83 -13.44
N SER A 255 24.99 20.82 -12.33
CA SER A 255 26.34 21.38 -12.33
C SER A 255 27.27 20.62 -13.26
N GLU A 256 27.13 19.29 -13.31
CA GLU A 256 28.14 18.46 -13.95
C GLU A 256 28.32 18.82 -15.42
N TYR A 257 27.22 18.91 -16.19
CA TYR A 257 27.27 19.21 -17.62
CA TYR A 257 27.49 19.21 -17.58
C TYR A 257 27.45 20.71 -17.87
N PHE A 258 27.02 21.53 -16.91
CA PHE A 258 27.02 22.97 -17.12
C PHE A 258 28.43 23.50 -17.35
N VAL A 259 28.58 24.34 -18.37
CA VAL A 259 29.86 24.99 -18.69
C VAL A 259 29.58 26.45 -19.01
N THR A 260 30.29 27.35 -18.34
CA THR A 260 30.06 28.79 -18.53
C THR A 260 30.99 29.29 -19.64
N THR A 261 30.40 29.67 -20.77
CA THR A 261 31.21 30.21 -21.85
C THR A 261 31.83 31.55 -21.47
N SER A 262 31.11 32.36 -20.70
CA SER A 262 31.57 33.71 -20.38
C SER A 262 31.11 34.13 -18.99
N GLY A 263 31.83 35.08 -18.41
CA GLY A 263 31.45 35.70 -17.16
C GLY A 263 32.09 35.06 -15.94
N SER A 264 32.14 35.84 -14.86
CA SER A 264 32.72 35.40 -13.59
C SER A 264 31.67 34.97 -12.57
N GLY A 265 30.39 35.16 -12.86
CA GLY A 265 29.36 34.94 -11.87
C GLY A 265 29.07 36.12 -10.96
N SER A 266 29.73 37.25 -11.19
CA SER A 266 29.48 38.45 -10.41
C SER A 266 28.14 39.05 -10.83
N GLN A 267 27.61 39.94 -9.97
CA GLN A 267 26.35 40.59 -10.31
C GLN A 267 26.47 41.40 -11.59
N SER A 268 27.58 42.13 -11.73
CA SER A 268 27.80 42.90 -12.95
C SER A 268 28.07 41.99 -14.14
N SER A 269 28.77 40.87 -13.92
CA SER A 269 29.22 39.98 -14.99
C SER A 269 28.82 38.55 -14.68
N PRO A 270 27.56 38.17 -14.97
CA PRO A 270 27.09 36.83 -14.62
C PRO A 270 27.73 35.72 -15.44
N TYR A 271 27.77 34.53 -14.84
CA TYR A 271 28.16 33.29 -15.52
C TYR A 271 27.14 32.97 -16.61
N ILE A 272 27.51 33.16 -17.87
CA ILE A 272 26.63 32.85 -19.00
C ILE A 272 26.92 31.43 -19.46
N GLY A 273 25.95 30.53 -19.34
CA GLY A 273 26.24 29.13 -19.58
C GLY A 273 25.05 28.25 -19.85
N SER A 274 25.35 27.07 -20.38
CA SER A 274 24.40 26.02 -20.69
C SER A 274 25.14 24.70 -20.79
N ALA A 275 24.41 23.64 -21.08
CA ALA A 275 25.01 22.31 -21.18
C ALA A 275 24.64 21.63 -22.49
N PRO A 276 25.48 21.70 -23.55
CA PRO A 276 25.08 21.17 -24.87
C PRO A 276 24.96 19.65 -25.01
N ASN A 277 26.00 18.90 -24.64
CA ASN A 277 26.00 17.44 -24.78
C ASN A 277 25.01 16.76 -23.85
N LYS A 278 24.46 17.45 -22.86
CA LYS A 278 23.45 16.82 -22.02
C LYS A 278 22.27 16.42 -22.89
N GLN A 279 21.81 15.19 -22.73
CA GLN A 279 20.81 14.60 -23.63
C GLN A 279 19.50 14.43 -22.88
N GLU A 280 18.44 15.02 -23.42
CA GLU A 280 17.11 14.93 -22.84
C GLU A 280 16.08 14.84 -23.95
N ASP A 281 15.01 14.10 -23.68
CA ASP A 281 13.80 14.23 -24.50
C ASP A 281 13.21 15.61 -24.28
N ASP A 282 12.54 16.14 -25.30
CA ASP A 282 12.03 17.51 -25.22
C ASP A 282 11.12 17.66 -24.00
N TYR A 283 11.36 18.74 -23.24
CA TYR A 283 10.70 18.92 -21.95
C TYR A 283 9.20 19.08 -22.12
N THR A 284 8.44 18.21 -21.45
CA THR A 284 6.99 18.25 -21.48
C THR A 284 6.51 17.73 -20.13
N ILE A 285 6.19 18.63 -19.19
CA ILE A 285 5.56 18.17 -17.97
C ILE A 285 4.23 17.52 -18.31
N SER A 286 3.65 17.89 -19.45
CA SER A 286 2.35 17.39 -19.85
C SER A 286 2.37 15.88 -20.07
N GLU A 287 1.30 15.22 -19.63
CA GLU A 287 1.16 13.79 -19.83
C GLU A 287 1.00 13.48 -21.31
N PRO A 288 1.56 12.35 -21.78
CA PRO A 288 1.33 11.96 -23.18
C PRO A 288 -0.15 11.73 -23.44
N ALA A 289 -0.58 12.01 -24.67
CA ALA A 289 -2.00 11.93 -25.02
C ALA A 289 -2.29 10.57 -25.65
N GLU A 290 -3.08 9.76 -24.96
CA GLU A 290 -3.50 8.48 -25.49
C GLU A 290 -4.69 8.65 -26.42
N ASP A 291 -5.00 7.58 -27.16
CA ASP A 291 -6.02 7.65 -28.20
C ASP A 291 -7.41 7.61 -27.59
N ALA A 292 -8.36 8.20 -28.34
CA ALA A 292 -9.77 8.17 -27.92
C ALA A 292 -10.32 6.75 -27.95
N ASN A 293 -10.06 6.02 -29.03
CA ASN A 293 -10.45 4.62 -29.11
C ASN A 293 -9.21 3.76 -28.95
N PRO A 294 -9.01 3.15 -27.78
CA PRO A 294 -7.85 2.30 -27.59
C PRO A 294 -8.10 0.91 -28.14
N ASP A 295 -7.03 0.13 -28.21
CA ASP A 295 -7.12 -1.30 -28.43
C ASP A 295 -6.55 -1.99 -27.19
N TRP A 296 -6.92 -3.26 -27.01
CA TRP A 296 -6.45 -3.98 -25.86
C TRP A 296 -4.94 -4.19 -25.95
N ASN A 297 -4.23 -3.79 -24.88
CA ASN A 297 -2.82 -4.17 -24.76
C ASN A 297 -2.69 -5.66 -24.55
N VAL A 298 -3.69 -6.28 -23.92
CA VAL A 298 -3.66 -7.66 -23.48
C VAL A 298 -4.44 -8.55 -24.42
N SER A 299 -4.32 -9.85 -24.25
CA SER A 299 -5.01 -10.82 -25.11
C SER A 299 -6.46 -10.98 -24.71
N THR A 300 -7.33 -11.08 -25.72
CA THR A 300 -8.75 -11.28 -25.54
C THR A 300 -9.19 -12.70 -25.82
N GLU A 301 -8.24 -13.62 -26.00
CA GLU A 301 -8.56 -14.99 -26.40
C GLU A 301 -9.43 -15.69 -25.35
N GLN A 302 -9.27 -15.33 -24.08
CA GLN A 302 -10.09 -15.85 -22.99
C GLN A 302 -10.79 -14.67 -22.32
N SER A 303 -12.11 -14.62 -22.42
CA SER A 303 -12.87 -13.47 -21.98
C SER A 303 -14.21 -13.90 -21.39
N ILE A 304 -14.74 -13.05 -20.50
CA ILE A 304 -16.11 -13.18 -20.02
C ILE A 304 -16.90 -11.96 -20.49
N GLN A 305 -18.10 -12.20 -20.98
CA GLN A 305 -18.93 -11.18 -21.60
C GLN A 305 -20.15 -10.94 -20.73
N LEU A 306 -20.32 -9.70 -20.28
CA LEU A 306 -21.38 -9.36 -19.33
C LEU A 306 -22.47 -8.59 -20.06
N THR A 307 -23.73 -8.95 -19.79
CA THR A 307 -24.85 -8.14 -20.25
C THR A 307 -25.31 -7.28 -19.09
N LEU A 308 -24.98 -6.00 -19.13
CA LEU A 308 -25.36 -5.07 -18.08
C LEU A 308 -26.50 -4.21 -18.59
N GLY A 309 -27.66 -4.32 -17.95
CA GLY A 309 -28.82 -3.57 -18.33
C GLY A 309 -28.79 -2.18 -17.72
N PRO A 310 -29.95 -1.52 -17.67
CA PRO A 310 -29.99 -0.15 -17.13
C PRO A 310 -29.58 -0.06 -15.68
N TRP A 311 -29.90 -1.08 -14.87
CA TRP A 311 -29.66 -0.99 -13.44
C TRP A 311 -28.17 -1.04 -13.13
N TYR A 312 -27.38 -1.58 -14.05
CA TYR A 312 -25.94 -1.65 -13.87
C TYR A 312 -25.21 -0.60 -14.70
N SER A 313 -25.74 -0.21 -15.87
CA SER A 313 -25.12 0.85 -16.70
C SER A 313 -26.22 1.73 -17.30
N ASN A 314 -26.58 2.80 -16.59
CA ASN A 314 -27.71 3.62 -17.03
C ASN A 314 -27.33 4.51 -18.22
N ASP A 315 -26.08 4.97 -18.27
CA ASP A 315 -25.67 5.76 -19.44
C ASP A 315 -25.56 4.89 -20.69
N GLY A 316 -25.22 3.61 -20.51
CA GLY A 316 -25.16 2.68 -21.61
C GLY A 316 -23.77 2.40 -22.13
N LYS A 317 -22.73 2.87 -21.46
CA LYS A 317 -21.37 2.70 -21.94
C LYS A 317 -20.84 1.30 -21.70
N TYR A 318 -21.41 0.57 -20.75
CA TYR A 318 -21.01 -0.79 -20.45
C TYR A 318 -22.17 -1.76 -20.62
N SER A 319 -22.93 -1.59 -21.69
CA SER A 319 -24.14 -2.36 -21.97
C SER A 319 -23.86 -3.78 -22.45
N ASN A 320 -22.62 -4.10 -22.80
CA ASN A 320 -22.19 -5.45 -23.08
C ASN A 320 -20.66 -5.53 -23.04
N PRO A 321 -20.06 -5.41 -21.86
CA PRO A 321 -18.59 -5.42 -21.79
C PRO A 321 -18.00 -6.79 -22.10
N THR A 322 -16.84 -6.77 -22.75
CA THR A 322 -15.98 -7.93 -22.93
C THR A 322 -14.78 -7.76 -22.01
N ILE A 323 -14.63 -8.67 -21.05
CA ILE A 323 -13.63 -8.58 -20.00
C ILE A 323 -12.64 -9.73 -20.18
N PRO A 324 -11.43 -9.48 -20.67
CA PRO A 324 -10.43 -10.54 -20.75
C PRO A 324 -10.04 -11.05 -19.37
N VAL A 325 -9.68 -12.33 -19.28
CA VAL A 325 -9.37 -12.99 -18.02
C VAL A 325 -7.95 -13.53 -18.07
N TYR A 326 -7.17 -13.26 -17.03
CA TYR A 326 -5.78 -13.66 -16.94
C TYR A 326 -5.55 -14.50 -15.69
N THR A 327 -4.98 -15.67 -15.84
CA THR A 327 -4.72 -16.57 -14.72
C THR A 327 -3.32 -16.29 -14.19
N ILE A 328 -3.24 -15.57 -13.08
CA ILE A 328 -1.94 -15.31 -12.48
C ILE A 328 -1.45 -16.55 -11.74
N GLN A 329 -2.36 -17.36 -11.21
CA GLN A 329 -2.01 -18.60 -10.51
C GLN A 329 -3.16 -19.60 -10.60
N LYS A 330 -2.88 -20.80 -11.09
CA LYS A 330 -3.80 -21.94 -11.05
C LYS A 330 -3.07 -23.23 -10.68
N THR A 331 -2.45 -23.24 -9.50
CA THR A 331 -1.74 -24.41 -9.02
C THR A 331 -2.63 -25.66 -8.94
N ARG A 332 -3.85 -25.52 -8.41
CA ARG A 332 -4.79 -26.63 -8.30
C ARG A 332 -6.14 -26.21 -8.85
N SER A 333 -7.11 -27.12 -8.73
CA SER A 333 -8.44 -26.86 -9.24
C SER A 333 -9.14 -25.81 -8.39
N ASP A 334 -10.13 -25.15 -9.00
CA ASP A 334 -10.86 -24.11 -8.28
C ASP A 334 -11.59 -24.70 -7.08
N THR A 335 -12.12 -25.90 -7.23
CA THR A 335 -12.83 -26.57 -6.13
C THR A 335 -11.92 -26.77 -4.93
N GLU A 336 -10.65 -27.11 -5.17
CA GLU A 336 -9.74 -27.39 -4.08
C GLU A 336 -9.11 -26.12 -3.52
N ASN A 337 -9.12 -25.04 -4.27
CA ASN A 337 -8.37 -23.84 -3.92
C ASN A 337 -9.29 -22.66 -3.64
N MET A 338 -8.70 -21.59 -3.11
CA MET A 338 -9.39 -20.32 -2.91
C MET A 338 -9.20 -19.46 -4.14
N VAL A 339 -10.31 -19.00 -4.72
CA VAL A 339 -10.27 -18.24 -5.96
C VAL A 339 -10.46 -16.76 -5.64
N VAL A 340 -9.49 -15.96 -6.04
CA VAL A 340 -9.52 -14.51 -5.88
C VAL A 340 -9.67 -13.89 -7.27
N VAL A 341 -10.66 -13.02 -7.43
CA VAL A 341 -10.90 -12.31 -8.68
C VAL A 341 -10.57 -10.84 -8.43
N VAL A 342 -9.57 -10.33 -9.16
CA VAL A 342 -9.20 -8.92 -9.08
C VAL A 342 -9.67 -8.23 -10.35
N CYS A 343 -10.24 -7.04 -10.19
CA CYS A 343 -10.81 -6.27 -11.29
C CYS A 343 -10.16 -4.89 -11.32
N GLY A 344 -10.34 -4.19 -12.44
CA GLY A 344 -9.62 -2.96 -12.70
C GLY A 344 -10.54 -1.74 -12.81
N GLU A 345 -10.18 -0.69 -12.09
CA GLU A 345 -10.89 0.58 -12.12
C GLU A 345 -9.98 1.65 -12.68
N GLY A 346 -10.47 2.38 -13.68
CA GLY A 346 -9.67 3.44 -14.27
C GLY A 346 -8.52 2.94 -15.11
N TYR A 347 -8.61 1.73 -15.62
CA TYR A 347 -7.63 1.16 -16.53
C TYR A 347 -8.26 1.12 -17.91
N THR A 348 -7.74 1.91 -18.83
CA THR A 348 -8.25 1.87 -20.19
C THR A 348 -7.74 0.61 -20.90
N LYS A 349 -8.36 0.33 -22.05
CA LYS A 349 -8.00 -0.84 -22.83
C LYS A 349 -6.50 -0.91 -23.09
N SER A 350 -5.89 0.23 -23.45
CA SER A 350 -4.46 0.24 -23.73
C SER A 350 -3.65 -0.02 -22.46
N GLN A 351 -4.16 0.42 -21.30
CA GLN A 351 -3.49 0.15 -20.03
C GLN A 351 -4.06 -1.07 -19.32
N GLN A 352 -4.14 -2.20 -20.01
CA GLN A 352 -4.53 -3.40 -19.28
C GLN A 352 -3.33 -4.24 -18.88
N GLY A 353 -2.24 -4.17 -19.64
CA GLY A 353 -1.02 -4.82 -19.21
C GLY A 353 -0.55 -4.31 -17.87
N LYS A 354 -0.56 -3.00 -17.68
CA LYS A 354 -0.29 -2.42 -16.37
C LYS A 354 -1.15 -3.09 -15.31
N PHE A 355 -2.46 -3.20 -15.56
CA PHE A 355 -3.34 -3.84 -14.59
C PHE A 355 -2.80 -5.20 -14.20
N ILE A 356 -2.50 -6.03 -15.19
CA ILE A 356 -2.05 -7.38 -14.89
C ILE A 356 -0.80 -7.31 -14.03
N ASN A 357 0.17 -6.50 -14.44
CA ASN A 357 1.39 -6.42 -13.68
C ASN A 357 1.11 -5.89 -12.28
N ASP A 358 0.25 -4.88 -12.17
CA ASP A 358 -0.10 -4.36 -10.86
C ASP A 358 -0.69 -5.47 -10.00
N VAL A 359 -1.64 -6.23 -10.53
CA VAL A 359 -2.24 -7.30 -9.75
C VAL A 359 -1.13 -8.23 -9.28
N LYS A 360 -0.26 -8.65 -10.20
CA LYS A 360 0.82 -9.54 -9.82
C LYS A 360 1.62 -8.94 -8.69
N ARG A 361 2.07 -7.70 -8.88
CA ARG A 361 2.84 -7.02 -7.84
C ARG A 361 2.11 -7.11 -6.52
N LEU A 362 0.89 -6.59 -6.49
CA LEU A 362 0.18 -6.51 -5.22
C LEU A 362 -0.01 -7.90 -4.65
N TRP A 363 -0.41 -8.85 -5.49
CA TRP A 363 -0.68 -10.19 -5.00
C TRP A 363 0.57 -10.78 -4.35
N GLN A 364 1.70 -10.68 -5.05
CA GLN A 364 2.92 -11.27 -4.52
CA GLN A 364 2.92 -11.27 -4.52
C GLN A 364 3.30 -10.63 -3.20
N ASP A 365 3.18 -9.31 -3.12
CA ASP A 365 3.56 -8.66 -1.88
C ASP A 365 2.62 -9.09 -0.76
N ALA A 366 1.33 -9.24 -1.07
CA ALA A 366 0.40 -9.73 -0.06
C ALA A 366 0.76 -11.13 0.39
N MET A 367 1.28 -11.95 -0.53
CA MET A 367 1.61 -13.32 -0.18
C MET A 367 2.89 -13.42 0.62
N LYS A 368 3.66 -12.33 0.73
CA LYS A 368 4.78 -12.35 1.65
C LYS A 368 4.29 -12.37 3.09
N TYR A 369 3.11 -11.78 3.34
CA TYR A 369 2.53 -11.71 4.66
C TYR A 369 1.96 -13.05 5.08
N GLU A 370 2.26 -13.45 6.31
CA GLU A 370 1.53 -14.53 6.96
C GLU A 370 0.30 -13.96 7.65
N PRO A 371 -0.87 -14.60 7.60
CA PRO A 371 -1.17 -16.00 7.33
C PRO A 371 -1.28 -16.40 5.87
N TYR A 372 -1.18 -15.46 4.92
CA TYR A 372 -1.38 -15.80 3.52
C TYR A 372 -0.27 -16.68 2.98
N ARG A 373 0.97 -16.43 3.42
CA ARG A 373 2.12 -17.13 2.85
C ARG A 373 1.97 -18.63 2.98
N SER A 374 1.42 -19.10 4.09
CA SER A 374 1.20 -20.53 4.28
C SER A 374 0.25 -21.09 3.23
N TYR A 375 -0.67 -20.27 2.72
CA TYR A 375 -1.64 -20.69 1.73
C TYR A 375 -1.34 -20.15 0.35
N ALA A 376 -0.11 -19.69 0.11
CA ALA A 376 0.20 -19.03 -1.16
C ALA A 376 -0.08 -19.95 -2.34
N ASP A 377 0.27 -21.23 -2.20
CA ASP A 377 0.08 -22.18 -3.29
C ASP A 377 -1.36 -22.67 -3.36
N ARG A 378 -2.21 -22.24 -2.43
CA ARG A 378 -3.60 -22.69 -2.44
C ARG A 378 -4.52 -21.62 -3.02
N PHE A 379 -4.00 -20.46 -3.36
CA PHE A 379 -4.83 -19.43 -3.98
C PHE A 379 -4.82 -19.56 -5.50
N ASN A 380 -6.00 -19.63 -6.11
CA ASN A 380 -6.15 -19.42 -7.55
C ASN A 380 -6.44 -17.94 -7.76
N VAL A 381 -5.61 -17.27 -8.55
CA VAL A 381 -5.67 -15.82 -8.70
C VAL A 381 -6.01 -15.50 -10.15
N TYR A 382 -7.05 -14.71 -10.34
CA TYR A 382 -7.53 -14.34 -11.66
C TYR A 382 -7.67 -12.83 -11.74
N ALA A 383 -7.16 -12.24 -12.81
CA ALA A 383 -7.26 -10.82 -13.08
C ALA A 383 -8.23 -10.60 -14.22
N LEU A 384 -9.25 -9.79 -13.98
CA LEU A 384 -10.28 -9.51 -14.97
C LEU A 384 -10.09 -8.10 -15.50
N CYS A 385 -9.93 -7.98 -16.81
CA CYS A 385 -9.52 -6.75 -17.47
C CYS A 385 -10.79 -5.98 -17.82
N THR A 386 -11.18 -5.10 -16.92
CA THR A 386 -12.40 -4.32 -17.02
C THR A 386 -12.03 -2.95 -17.56
N ALA A 387 -12.27 -2.75 -18.85
CA ALA A 387 -11.89 -1.51 -19.51
C ALA A 387 -12.70 -0.34 -18.98
N SER A 388 -12.02 0.77 -18.75
CA SER A 388 -12.65 2.02 -18.36
C SER A 388 -12.44 3.02 -19.48
N GLU A 389 -13.49 3.78 -19.80
CA GLU A 389 -13.38 4.73 -20.91
C GLU A 389 -12.33 5.80 -20.61
N SER A 390 -12.12 6.11 -19.34
CA SER A 390 -11.08 7.05 -18.94
C SER A 390 -10.38 6.55 -17.69
N THR A 391 -9.19 7.08 -17.46
CA THR A 391 -8.44 6.78 -16.26
C THR A 391 -9.10 7.44 -15.05
N PHE A 392 -8.72 6.96 -13.86
CA PHE A 392 -9.34 7.46 -12.64
C PHE A 392 -9.07 8.94 -12.43
N ASP A 393 -7.85 9.39 -12.73
CA ASP A 393 -7.49 10.79 -12.53
C ASP A 393 -8.08 11.70 -13.60
N ASN A 394 -8.50 11.13 -14.73
CA ASN A 394 -9.08 11.98 -15.76
CA ASN A 394 -9.13 11.84 -15.84
C ASN A 394 -10.53 12.35 -15.46
N GLY A 395 -11.21 11.62 -14.60
CA GLY A 395 -12.57 11.97 -14.25
C GLY A 395 -13.62 11.56 -15.24
N GLY A 396 -13.25 10.85 -16.30
CA GLY A 396 -14.23 10.34 -17.24
C GLY A 396 -14.89 9.11 -16.72
N SER A 397 -15.83 8.59 -17.52
CA SER A 397 -16.57 7.42 -17.09
C SER A 397 -15.62 6.26 -16.82
N THR A 398 -15.69 5.74 -15.60
CA THR A 398 -14.93 4.56 -15.20
C THR A 398 -15.91 3.41 -15.03
N PHE A 399 -15.41 2.18 -15.23
CA PHE A 399 -16.27 1.00 -15.32
C PHE A 399 -17.11 0.80 -14.05
N PHE A 400 -16.52 0.98 -12.88
CA PHE A 400 -17.19 0.68 -11.62
C PHE A 400 -17.73 1.93 -10.92
N ASP A 401 -17.61 3.10 -11.52
CA ASP A 401 -18.14 4.35 -10.98
C ASP A 401 -17.54 4.70 -9.62
N VAL A 402 -16.30 4.28 -9.33
CA VAL A 402 -15.76 4.55 -8.01
C VAL A 402 -15.56 6.05 -7.84
N ILE A 403 -16.12 6.59 -6.76
CA ILE A 403 -15.90 7.96 -6.32
C ILE A 403 -15.21 7.88 -4.97
N VAL A 404 -14.64 8.99 -4.54
CA VAL A 404 -14.06 9.06 -3.20
C VAL A 404 -14.90 10.04 -2.39
N ASP A 405 -15.51 9.54 -1.31
CA ASP A 405 -16.34 10.41 -0.48
C ASP A 405 -15.45 11.29 0.39
N LYS A 406 -16.08 12.14 1.18
CA LYS A 406 -15.36 13.17 1.93
C LYS A 406 -14.39 12.58 2.94
N TYR A 407 -14.53 11.30 3.25
CA TYR A 407 -13.76 10.64 4.30
C TYR A 407 -12.57 9.85 3.77
N ASN A 408 -12.26 9.96 2.48
CA ASN A 408 -11.23 9.18 1.78
C ASN A 408 -11.71 7.76 1.55
N SER A 409 -13.01 7.50 1.70
CA SER A 409 -13.56 6.18 1.46
C SER A 409 -13.89 6.02 -0.02
N PRO A 410 -13.38 4.99 -0.68
CA PRO A 410 -13.69 4.77 -2.09
C PRO A 410 -14.94 3.95 -2.28
N VAL A 411 -15.99 4.55 -2.86
CA VAL A 411 -17.31 3.98 -2.87
C VAL A 411 -17.80 3.89 -4.31
N ILE A 412 -18.26 2.71 -4.71
CA ILE A 412 -19.05 2.61 -5.93
C ILE A 412 -20.32 3.40 -5.72
N SER A 413 -20.57 4.37 -6.59
CA SER A 413 -21.71 5.27 -6.43
C SER A 413 -22.81 4.87 -7.38
N ASN A 414 -23.96 4.47 -6.82
CA ASN A 414 -25.12 4.16 -7.63
C ASN A 414 -25.71 5.43 -8.25
N ASN A 415 -25.52 6.56 -7.58
CA ASN A 415 -26.20 7.79 -7.98
C ASN A 415 -25.55 8.45 -9.18
N LEU A 416 -24.24 8.25 -9.35
CA LEU A 416 -23.46 9.04 -10.30
C LEU A 416 -24.01 8.94 -11.71
N HIS A 417 -24.19 7.73 -12.22
CA HIS A 417 -24.83 7.55 -13.50
C HIS A 417 -26.26 7.06 -13.35
N GLY A 418 -26.78 7.05 -12.13
CA GLY A 418 -28.15 6.64 -11.91
C GLY A 418 -28.39 5.17 -12.07
N SER A 419 -27.46 4.33 -11.65
CA SER A 419 -27.61 2.88 -11.67
C SER A 419 -27.75 2.39 -10.23
N GLN A 420 -28.97 2.03 -9.85
CA GLN A 420 -29.27 1.65 -8.46
C GLN A 420 -28.41 0.48 -7.98
N TRP A 421 -28.07 -0.44 -8.88
CA TRP A 421 -27.48 -1.73 -8.50
C TRP A 421 -25.99 -1.85 -8.82
N LYS A 422 -25.28 -0.73 -8.98
CA LYS A 422 -23.88 -0.81 -9.36
C LYS A 422 -23.05 -1.52 -8.29
N ASN A 423 -23.33 -1.23 -7.01
CA ASN A 423 -22.59 -1.90 -5.95
C ASN A 423 -22.87 -3.40 -5.91
N HIS A 424 -23.91 -3.86 -6.60
CA HIS A 424 -24.21 -5.28 -6.72
C HIS A 424 -23.64 -5.91 -7.99
N ILE A 425 -22.71 -5.24 -8.68
CA ILE A 425 -22.23 -5.79 -9.95
C ILE A 425 -21.41 -7.05 -9.72
N PHE A 426 -20.60 -7.08 -8.66
CA PHE A 426 -19.72 -8.23 -8.45
C PHE A 426 -20.53 -9.50 -8.21
N GLU A 427 -21.48 -9.45 -7.29
CA GLU A 427 -22.21 -10.66 -6.92
C GLU A 427 -23.28 -11.02 -7.95
N ARG A 428 -23.88 -10.01 -8.59
CA ARG A 428 -25.01 -10.30 -9.48
C ARG A 428 -24.57 -10.45 -10.93
N CYS A 429 -23.52 -9.73 -11.34
CA CYS A 429 -23.12 -9.75 -12.74
C CYS A 429 -21.76 -10.39 -12.99
N ILE A 430 -20.68 -9.91 -12.37
CA ILE A 430 -19.35 -10.44 -12.69
C ILE A 430 -19.19 -11.87 -12.16
N GLY A 431 -19.61 -12.10 -10.92
CA GLY A 431 -19.41 -13.36 -10.24
C GLY A 431 -20.07 -14.58 -10.87
N PRO A 432 -21.38 -14.49 -11.16
CA PRO A 432 -22.03 -15.64 -11.79
C PRO A 432 -21.39 -16.04 -13.11
N GLU A 433 -20.97 -15.05 -13.90
CA GLU A 433 -20.35 -15.35 -15.19
C GLU A 433 -18.97 -15.97 -15.02
N PHE A 434 -18.17 -15.44 -14.08
CA PHE A 434 -16.88 -16.06 -13.82
C PHE A 434 -17.05 -17.52 -13.41
N ILE A 435 -17.99 -17.79 -12.50
CA ILE A 435 -18.16 -19.15 -12.00
C ILE A 435 -18.66 -20.07 -13.11
N GLU A 436 -19.58 -19.57 -13.95
CA GLU A 436 -20.05 -20.40 -15.06
C GLU A 436 -18.93 -20.72 -16.03
N LYS A 437 -18.06 -19.74 -16.32
CA LYS A 437 -17.09 -19.91 -17.40
C LYS A 437 -15.70 -20.31 -16.93
N ILE A 438 -15.06 -19.51 -16.08
CA ILE A 438 -13.67 -19.76 -15.73
C ILE A 438 -13.56 -20.83 -14.65
N HIS A 439 -14.44 -20.80 -13.66
CA HIS A 439 -14.34 -21.68 -12.51
C HIS A 439 -14.54 -23.13 -12.91
N ASP A 440 -13.80 -24.03 -12.29
CA ASP A 440 -13.90 -25.45 -12.61
C ASP A 440 -15.22 -26.05 -12.18
N ALA A 441 -15.93 -25.39 -11.26
CA ALA A 441 -17.23 -25.87 -10.84
C ALA A 441 -18.26 -25.70 -11.94
N HIS A 442 -18.14 -24.63 -12.74
CA HIS A 442 -19.01 -24.39 -13.89
C HIS A 442 -20.49 -24.35 -13.49
N ILE A 443 -20.79 -23.63 -12.41
CA ILE A 443 -22.15 -23.50 -11.92
C ILE A 443 -22.95 -22.59 -12.84
N LYS A 444 -23.96 -23.13 -13.51
CA LYS A 444 -24.79 -22.34 -14.41
C LYS A 444 -25.52 -21.26 -13.63
N LYS A 445 -25.73 -20.12 -14.28
CA LYS A 445 -26.39 -18.99 -13.60
CA LYS A 445 -26.39 -18.99 -13.62
C LYS A 445 -27.90 -19.18 -13.62
N LYS A 446 -28.49 -19.29 -12.43
CA LYS A 446 -29.90 -19.54 -12.27
C LYS A 446 -30.77 -18.31 -12.53
N CYS A 447 -30.23 -17.10 -12.34
CA CYS A 447 -31.05 -15.90 -12.32
C CYS A 447 -30.48 -14.86 -13.27
N ASP A 448 -31.36 -13.95 -13.70
CA ASP A 448 -30.99 -12.85 -14.57
C ASP A 448 -30.72 -11.62 -13.72
N PRO A 449 -29.49 -11.11 -13.68
CA PRO A 449 -29.23 -9.91 -12.87
C PRO A 449 -30.11 -8.74 -13.25
N ASN A 450 -30.44 -8.62 -14.54
CA ASN A 450 -31.23 -7.48 -15.01
C ASN A 450 -32.70 -7.59 -14.60
N THR A 451 -33.21 -8.81 -14.40
CA THR A 451 -34.59 -8.98 -13.97
C THR A 451 -34.67 -8.73 -12.45
N ILE A 452 -35.81 -9.02 -11.86
CA ILE A 452 -36.06 -8.76 -10.45
C ILE A 452 -36.38 -10.08 -9.75
N PRO A 453 -35.62 -10.46 -8.72
CA PRO A 453 -35.86 -11.75 -8.07
C PRO A 453 -37.18 -11.78 -7.29
N SER A 454 -37.74 -12.99 -7.16
CA SER A 454 -39.11 -13.12 -6.67
C SER A 454 -39.20 -12.99 -5.15
N GLY A 455 -38.34 -13.69 -4.40
CA GLY A 455 -38.50 -13.71 -2.95
C GLY A 455 -37.61 -12.78 -2.14
N SER A 456 -36.31 -12.85 -2.38
CA SER A 456 -35.34 -11.97 -1.74
C SER A 456 -34.45 -11.43 -2.85
N GLU A 457 -34.34 -10.11 -2.94
CA GLU A 457 -33.53 -9.55 -4.00
C GLU A 457 -32.05 -9.83 -3.79
N TYR A 458 -31.67 -10.32 -2.61
CA TYR A 458 -30.29 -10.63 -2.30
C TYR A 458 -29.99 -12.13 -2.22
N GLU A 459 -31.02 -12.97 -2.15
CA GLU A 459 -30.83 -14.40 -1.92
C GLU A 459 -30.15 -15.18 -3.04
N PRO A 460 -30.56 -15.08 -4.31
CA PRO A 460 -30.06 -16.05 -5.30
C PRO A 460 -28.57 -15.94 -5.54
N TYR A 461 -27.98 -14.79 -5.25
CA TYR A 461 -26.60 -14.51 -5.58
C TYR A 461 -25.64 -14.95 -4.47
N TYR A 462 -26.17 -15.49 -3.37
CA TYR A 462 -25.39 -15.96 -2.24
C TYR A 462 -24.37 -17.03 -2.63
N TYR A 463 -24.60 -17.77 -3.71
CA TYR A 463 -23.67 -18.85 -4.08
C TYR A 463 -22.33 -18.30 -4.52
N VAL A 464 -22.32 -17.08 -5.06
CA VAL A 464 -21.09 -16.54 -5.65
C VAL A 464 -19.95 -16.57 -4.64
N HIS A 465 -20.23 -16.13 -3.42
CA HIS A 465 -19.17 -15.97 -2.44
C HIS A 465 -18.59 -17.31 -2.01
N ASP A 466 -19.36 -18.39 -2.11
CA ASP A 466 -18.79 -19.70 -1.85
C ASP A 466 -17.70 -20.03 -2.85
N TYR A 467 -17.96 -19.76 -4.12
CA TYR A 467 -17.09 -20.26 -5.16
C TYR A 467 -15.93 -19.29 -5.41
N ILE A 468 -16.11 -18.01 -5.07
CA ILE A 468 -15.03 -17.02 -5.16
C ILE A 468 -14.77 -16.48 -3.77
N ALA A 469 -13.54 -16.67 -3.28
CA ALA A 469 -13.20 -16.32 -1.91
C ALA A 469 -13.16 -14.81 -1.70
N GLN A 470 -12.71 -14.05 -2.69
CA GLN A 470 -12.56 -12.62 -2.53
C GLN A 470 -12.71 -11.90 -3.86
N PHE A 471 -13.32 -10.71 -3.82
CA PHE A 471 -13.38 -9.79 -4.94
C PHE A 471 -12.56 -8.55 -4.61
N ALA A 472 -11.61 -8.23 -5.47
CA ALA A 472 -10.71 -7.12 -5.29
C ALA A 472 -10.86 -6.14 -6.45
N MET A 473 -10.79 -4.86 -6.14
CA MET A 473 -10.77 -3.81 -7.16
C MET A 473 -9.50 -3.02 -6.98
N VAL A 474 -8.72 -2.91 -8.05
CA VAL A 474 -7.50 -2.13 -8.07
C VAL A 474 -7.74 -0.92 -8.95
N VAL A 475 -7.47 0.26 -8.41
CA VAL A 475 -7.72 1.52 -9.09
C VAL A 475 -6.40 2.07 -9.61
N ASN A 476 -6.40 2.57 -10.84
CA ASN A 476 -5.18 3.07 -11.48
C ASN A 476 -4.87 4.47 -10.94
N THR A 477 -4.51 4.52 -9.66
CA THR A 477 -4.32 5.80 -9.01
C THR A 477 -3.14 5.75 -8.07
N LYS A 478 -2.49 6.89 -7.92
CA LYS A 478 -1.53 7.10 -6.85
C LYS A 478 -2.20 7.65 -5.60
N SER A 479 -3.51 7.87 -5.66
CA SER A 479 -4.26 8.26 -4.49
C SER A 479 -4.21 7.16 -3.45
N ASP A 480 -4.21 7.58 -2.19
CA ASP A 480 -4.17 6.67 -1.06
C ASP A 480 -5.58 6.58 -0.47
N PHE A 481 -6.23 5.45 -0.70
CA PHE A 481 -7.51 5.18 -0.05
C PHE A 481 -7.67 3.68 0.11
N GLY A 482 -8.54 3.31 1.04
CA GLY A 482 -8.88 1.91 1.23
C GLY A 482 -10.34 1.72 1.53
N GLY A 483 -10.96 0.74 0.91
CA GLY A 483 -12.35 0.44 1.25
C GLY A 483 -12.60 -1.05 1.36
N ALA A 484 -13.28 -1.47 2.42
CA ALA A 484 -13.69 -2.86 2.58
C ALA A 484 -15.19 -2.90 2.76
N TYR A 485 -15.86 -3.73 1.98
CA TYR A 485 -17.32 -3.83 2.01
C TYR A 485 -17.68 -5.30 2.15
N ASN A 486 -18.19 -5.67 3.34
CA ASN A 486 -18.29 -7.08 3.76
C ASN A 486 -19.65 -7.41 4.38
N ASN A 487 -20.73 -7.09 3.68
CA ASN A 487 -22.09 -7.43 4.11
C ASN A 487 -22.66 -8.45 3.13
N ARG A 488 -22.46 -9.75 3.44
CA ARG A 488 -22.87 -10.80 2.52
CA ARG A 488 -22.87 -10.80 2.52
CA ARG A 488 -22.86 -10.82 2.56
C ARG A 488 -24.37 -10.91 2.40
N GLU A 489 -25.11 -10.53 3.44
CA GLU A 489 -26.57 -10.56 3.39
CA GLU A 489 -26.56 -10.59 3.36
C GLU A 489 -27.07 -9.75 2.21
N TYR A 490 -26.47 -8.60 1.99
CA TYR A 490 -26.78 -7.72 0.89
C TYR A 490 -25.83 -7.95 -0.27
N GLY A 491 -25.00 -8.98 -0.19
CA GLY A 491 -24.21 -9.47 -1.30
C GLY A 491 -22.87 -8.82 -1.48
N PHE A 492 -22.47 -7.92 -0.60
CA PHE A 492 -21.25 -7.15 -0.78
C PHE A 492 -20.08 -7.90 -0.15
N HIS A 493 -19.21 -8.45 -0.99
CA HIS A 493 -17.93 -8.95 -0.54
C HIS A 493 -16.85 -8.44 -1.49
N TYR A 494 -16.37 -7.21 -1.27
CA TYR A 494 -15.37 -6.64 -2.17
C TYR A 494 -14.56 -5.58 -1.46
N PHE A 495 -13.31 -5.40 -1.91
CA PHE A 495 -12.49 -4.31 -1.40
C PHE A 495 -11.95 -3.47 -2.55
N ILE A 496 -11.70 -2.18 -2.27
CA ILE A 496 -11.18 -1.23 -3.24
C ILE A 496 -9.85 -0.71 -2.72
N SER A 497 -8.81 -0.81 -3.56
CA SER A 497 -7.46 -0.41 -3.17
C SER A 497 -6.72 0.19 -4.37
N PRO A 498 -5.73 1.05 -4.11
CA PRO A 498 -5.03 1.73 -5.22
C PRO A 498 -3.84 0.95 -5.75
N SER A 499 -3.54 1.17 -7.03
CA SER A 499 -2.45 0.47 -7.67
C SER A 499 -1.09 1.04 -7.28
N ASP A 500 -0.88 2.36 -7.45
CA ASP A 500 0.39 2.97 -7.07
C ASP A 500 0.17 4.01 -5.98
N SER A 501 -0.13 3.58 -4.78
CA SER A 501 -0.04 4.46 -3.64
C SER A 501 1.23 4.06 -2.93
N TYR A 502 1.76 4.96 -2.11
CA TYR A 502 2.97 4.61 -1.39
C TYR A 502 2.76 3.36 -0.55
N ARG A 503 1.52 3.10 -0.16
CA ARG A 503 1.13 1.96 0.66
C ARG A 503 0.32 0.92 -0.10
N ALA A 504 0.53 0.79 -1.41
CA ALA A 504 -0.43 0.04 -2.22
C ALA A 504 -0.50 -1.43 -1.82
N SER A 505 0.65 -2.08 -1.68
CA SER A 505 0.67 -3.48 -1.29
C SER A 505 0.26 -3.69 0.15
N LYS A 506 0.63 -2.74 1.02
CA LYS A 506 0.21 -2.80 2.42
C LYS A 506 -1.30 -2.63 2.56
N THR A 507 -1.87 -1.66 1.85
CA THR A 507 -3.33 -1.48 1.88
C THR A 507 -4.04 -2.69 1.30
N PHE A 508 -3.48 -3.27 0.24
CA PHE A 508 -4.05 -4.48 -0.35
C PHE A 508 -4.10 -5.62 0.65
N ALA A 509 -2.97 -5.87 1.34
CA ALA A 509 -2.93 -6.93 2.34
C ALA A 509 -3.95 -6.68 3.46
N HIS A 510 -4.00 -5.43 3.93
CA HIS A 510 -4.94 -5.02 4.97
C HIS A 510 -6.40 -5.29 4.58
N ALA A 511 -6.80 -4.81 3.40
CA ALA A 511 -8.18 -4.96 2.96
C ALA A 511 -8.51 -6.43 2.71
N PHE A 512 -7.55 -7.18 2.16
CA PHE A 512 -7.70 -8.62 2.03
C PHE A 512 -7.93 -9.27 3.39
N GLY A 513 -7.27 -8.74 4.43
CA GLY A 513 -7.48 -9.23 5.78
C GLY A 513 -8.91 -9.04 6.26
N HIS A 514 -9.51 -7.90 5.92
CA HIS A 514 -10.96 -7.77 6.16
C HIS A 514 -11.74 -8.81 5.39
N GLY A 515 -11.53 -8.84 4.07
CA GLY A 515 -12.44 -9.57 3.21
C GLY A 515 -12.40 -11.06 3.43
N LEU A 516 -11.21 -11.64 3.40
CA LEU A 516 -11.09 -13.07 3.59
C LEU A 516 -11.00 -13.43 5.06
N LEU A 517 -10.04 -12.85 5.78
CA LEU A 517 -9.77 -13.28 7.14
C LEU A 517 -10.90 -12.90 8.09
N GLY A 518 -11.67 -11.87 7.76
CA GLY A 518 -12.73 -11.41 8.62
C GLY A 518 -12.31 -10.45 9.72
N LEU A 519 -11.07 -9.97 9.67
CA LEU A 519 -10.53 -9.15 10.75
C LEU A 519 -11.04 -7.71 10.64
N GLY A 520 -11.13 -7.05 11.79
CA GLY A 520 -11.57 -5.67 11.86
C GLY A 520 -10.41 -4.69 12.02
N ASP A 521 -10.75 -3.41 11.87
CA ASP A 521 -9.78 -2.34 12.05
C ASP A 521 -9.44 -2.21 13.52
N GLU A 522 -8.15 -2.24 13.84
CA GLU A 522 -7.77 -2.20 15.24
C GLU A 522 -7.71 -0.76 15.77
N TYR A 523 -7.75 0.23 14.88
CA TYR A 523 -7.69 1.63 15.32
C TYR A 523 -9.07 2.16 15.68
N SER A 524 -10.14 1.52 15.19
CA SER A 524 -11.49 2.04 15.40
C SER A 524 -11.83 2.13 16.88
N ASN A 525 -12.49 3.22 17.25
CA ASN A 525 -12.78 3.53 18.65
C ASN A 525 -14.26 3.37 18.92
N GLY A 526 -14.58 2.69 20.03
CA GLY A 526 -15.96 2.45 20.41
C GLY A 526 -16.10 1.18 21.23
N TYR A 527 -16.89 1.25 22.30
CA TYR A 527 -17.14 0.10 23.14
C TYR A 527 -17.71 -1.03 22.30
N LEU A 528 -17.29 -2.26 22.59
CA LEU A 528 -17.92 -3.43 22.01
C LEU A 528 -18.84 -4.03 23.05
N LEU A 529 -20.14 -4.05 22.76
CA LEU A 529 -21.12 -4.66 23.64
C LEU A 529 -21.12 -6.17 23.43
N ASP A 530 -21.95 -6.86 24.23
CA ASP A 530 -21.83 -8.32 24.37
C ASP A 530 -21.83 -9.04 23.03
N ASP A 531 -22.92 -8.91 22.27
CA ASP A 531 -23.03 -9.66 21.02
C ASP A 531 -22.02 -9.19 19.99
N LYS A 532 -21.76 -7.89 19.93
CA LYS A 532 -20.71 -7.38 19.04
C LYS A 532 -19.33 -7.86 19.49
N GLU A 533 -19.15 -8.03 20.80
CA GLU A 533 -17.89 -8.52 21.33
C GLU A 533 -17.64 -9.96 20.90
N LEU A 534 -18.68 -10.79 20.93
CA LEU A 534 -18.54 -12.14 20.38
C LEU A 534 -18.27 -12.08 18.88
N LYS A 535 -18.81 -11.09 18.20
CA LYS A 535 -18.73 -11.00 16.74
C LYS A 535 -17.36 -10.65 16.20
N SER A 536 -16.45 -10.11 17.01
CA SER A 536 -15.17 -9.60 16.51
C SER A 536 -14.06 -10.61 16.77
N LEU A 537 -13.35 -10.96 15.71
CA LEU A 537 -12.26 -11.93 15.82
C LEU A 537 -11.04 -11.33 16.51
N ASN A 538 -10.70 -10.09 16.20
CA ASN A 538 -9.44 -9.51 16.67
C ASN A 538 -9.59 -8.32 17.59
N LEU A 539 -10.81 -7.91 17.94
CA LEU A 539 -11.03 -6.77 18.81
C LEU A 539 -11.90 -7.17 19.99
N SER A 540 -11.56 -6.67 21.17
CA SER A 540 -12.28 -6.98 22.39
C SER A 540 -12.40 -5.71 23.22
N SER A 541 -13.43 -5.67 24.06
CA SER A 541 -13.56 -4.62 25.06
C SER A 541 -13.64 -5.22 26.45
N VAL A 542 -13.03 -6.38 26.64
CA VAL A 542 -12.96 -7.04 27.94
C VAL A 542 -11.62 -6.70 28.57
N GLU A 543 -11.67 -6.01 29.71
CA GLU A 543 -10.44 -5.61 30.37
C GLU A 543 -9.77 -6.78 31.07
N ASP A 544 -10.54 -7.64 31.73
CA ASP A 544 -10.00 -8.70 32.56
C ASP A 544 -9.22 -9.70 31.71
N PRO A 545 -7.91 -9.85 31.95
CA PRO A 545 -7.12 -10.80 31.15
C PRO A 545 -7.63 -12.22 31.24
N GLU A 546 -8.27 -12.57 32.35
CA GLU A 546 -8.76 -13.94 32.51
C GLU A 546 -9.96 -14.20 31.61
N LYS A 547 -10.76 -13.18 31.32
CA LYS A 547 -11.98 -13.34 30.52
C LYS A 547 -11.79 -13.01 29.05
N ILE A 548 -10.67 -12.41 28.66
CA ILE A 548 -10.51 -11.99 27.28
C ILE A 548 -10.42 -13.21 26.38
N LYS A 549 -10.79 -13.02 25.10
CA LYS A 549 -10.81 -14.12 24.16
C LYS A 549 -9.43 -14.71 23.93
N TRP A 550 -8.41 -13.86 23.85
CA TRP A 550 -7.06 -14.31 23.52
C TRP A 550 -6.19 -14.59 24.73
N ARG A 551 -6.78 -15.03 25.83
CA ARG A 551 -6.06 -15.25 27.08
CA ARG A 551 -6.06 -15.25 27.08
C ARG A 551 -4.95 -16.30 26.94
N GLN A 552 -5.22 -17.37 26.21
CA GLN A 552 -4.20 -18.39 26.01
C GLN A 552 -3.01 -17.83 25.26
N LEU A 553 -3.26 -16.99 24.25
CA LEU A 553 -2.19 -16.40 23.45
C LEU A 553 -1.48 -15.24 24.14
N LEU A 554 -1.92 -14.83 25.32
CA LEU A 554 -1.23 -13.76 26.04
C LEU A 554 0.16 -14.20 26.44
N GLY A 555 1.13 -13.32 26.26
CA GLY A 555 2.51 -13.65 26.53
C GLY A 555 3.21 -14.41 25.44
N PHE A 556 2.54 -14.66 24.31
CA PHE A 556 3.14 -15.35 23.18
C PHE A 556 3.57 -14.30 22.16
N ARG A 557 4.87 -14.31 21.83
CA ARG A 557 5.47 -13.36 20.91
C ARG A 557 5.06 -11.96 21.38
N ASN A 558 4.58 -11.09 20.52
CA ASN A 558 4.20 -9.74 20.96
C ASN A 558 2.70 -9.62 21.20
N THR A 559 2.12 -10.45 22.07
CA THR A 559 0.72 -10.35 22.40
C THR A 559 0.59 -9.84 23.83
N TYR A 560 0.40 -8.53 23.97
CA TYR A 560 0.02 -7.88 25.21
C TYR A 560 -1.20 -7.04 24.89
N THR A 561 -2.25 -7.18 25.68
CA THR A 561 -3.52 -6.54 25.37
C THR A 561 -3.44 -5.06 25.71
N CYS A 562 -3.74 -4.20 24.74
CA CYS A 562 -3.57 -2.76 24.90
C CYS A 562 -4.65 -2.02 24.13
N ARG A 563 -4.97 -0.81 24.62
CA ARG A 563 -5.94 0.04 23.93
CA ARG A 563 -5.93 0.04 23.92
C ARG A 563 -5.33 0.61 22.66
N ASN A 564 -6.15 0.75 21.62
CA ASN A 564 -5.65 1.32 20.37
C ASN A 564 -5.28 2.78 20.53
N ALA A 565 -6.08 3.54 21.26
CA ALA A 565 -5.83 4.95 21.52
C ALA A 565 -6.06 5.21 23.00
N TYR A 566 -5.65 6.39 23.46
CA TYR A 566 -5.68 6.69 24.89
C TYR A 566 -7.10 6.72 25.42
N GLY A 567 -7.29 6.15 26.61
CA GLY A 567 -8.58 6.09 27.26
C GLY A 567 -9.60 5.17 26.63
N SER A 568 -9.30 4.63 25.45
CA SER A 568 -10.29 3.97 24.60
C SER A 568 -10.80 2.67 25.21
N LYS A 569 -12.06 2.38 24.94
CA LYS A 569 -12.66 1.13 25.40
C LYS A 569 -12.49 0.00 24.40
N MET A 570 -11.73 0.22 23.34
CA MET A 570 -11.44 -0.81 22.33
C MET A 570 -10.04 -1.36 22.54
N LEU A 571 -9.91 -2.68 22.57
CA LEU A 571 -8.67 -3.34 22.95
C LEU A 571 -8.19 -4.27 21.85
N VAL A 572 -6.87 -4.32 21.66
CA VAL A 572 -6.22 -5.10 20.61
C VAL A 572 -5.10 -5.93 21.23
N SER A 573 -4.72 -7.02 20.54
CA SER A 573 -3.74 -7.95 21.10
C SER A 573 -2.32 -7.40 21.02
N SER A 574 -2.04 -6.56 20.03
CA SER A 574 -0.73 -5.97 19.86
C SER A 574 -0.90 -4.56 19.33
N TYR A 575 -0.06 -3.64 19.81
CA TYR A 575 -0.11 -2.29 19.24
C TYR A 575 0.29 -2.32 17.78
N GLU A 576 1.16 -3.25 17.41
CA GLU A 576 1.69 -3.31 16.05
C GLU A 576 1.00 -4.42 15.28
N CYS A 577 -0.02 -4.06 14.51
CA CYS A 577 -0.64 -4.98 13.55
C CYS A 577 -0.91 -4.19 12.28
N ILE A 578 -1.02 -4.91 11.17
CA ILE A 578 -1.33 -4.25 9.90
C ILE A 578 -2.69 -3.57 9.99
N MET A 579 -3.59 -4.12 10.82
CA MET A 579 -4.94 -3.56 10.89
C MET A 579 -4.94 -2.19 11.54
N ARG A 580 -4.09 -1.97 12.55
CA ARG A 580 -3.98 -0.62 13.09
C ARG A 580 -3.11 0.26 12.18
N ASP A 581 -1.85 -0.14 11.97
CA ASP A 581 -0.91 0.60 11.14
C ASP A 581 -0.47 -0.30 9.99
N THR A 582 -0.54 0.23 8.76
CA THR A 582 -0.28 -0.59 7.58
C THR A 582 1.19 -0.95 7.46
N ASN A 583 2.07 -0.23 8.14
CA ASN A 583 3.48 -0.60 8.15
C ASN A 583 3.69 -1.97 8.77
N TYR A 584 3.11 -2.20 9.93
CA TYR A 584 3.39 -3.38 10.74
C TYR A 584 2.75 -4.63 10.13
N GLN A 585 3.25 -5.80 10.54
CA GLN A 585 2.78 -7.09 10.05
C GLN A 585 1.58 -7.58 10.87
N PHE A 586 0.94 -8.66 10.40
CA PHE A 586 -0.21 -9.24 11.10
C PHE A 586 0.19 -9.77 12.47
N CYS A 587 -0.68 -9.57 13.46
CA CYS A 587 -0.43 -10.03 14.82
C CYS A 587 -0.85 -11.49 14.96
N GLU A 588 -0.49 -12.07 16.12
CA GLU A 588 -0.70 -13.49 16.34
C GLU A 588 -2.17 -13.86 16.34
N VAL A 589 -3.01 -13.04 16.97
CA VAL A 589 -4.45 -13.31 16.95
C VAL A 589 -4.97 -13.29 15.52
N CYS A 590 -4.51 -12.33 14.72
CA CYS A 590 -4.93 -12.25 13.32
C CYS A 590 -4.39 -13.43 12.52
N ARG A 591 -3.14 -13.83 12.74
CA ARG A 591 -2.61 -14.98 12.03
C ARG A 591 -3.39 -16.24 12.36
N LEU A 592 -3.70 -16.44 13.63
CA LEU A 592 -4.48 -17.61 14.04
C LEU A 592 -5.87 -17.59 13.42
N GLN A 593 -6.58 -16.47 13.56
CA GLN A 593 -7.96 -16.41 13.10
C GLN A 593 -8.06 -16.46 11.58
N GLY A 594 -7.14 -15.79 10.88
CA GLY A 594 -7.12 -15.87 9.43
C GLY A 594 -6.74 -17.24 8.92
N PHE A 595 -5.78 -17.90 9.58
CA PHE A 595 -5.44 -19.28 9.24
C PHE A 595 -6.65 -20.19 9.39
N LYS A 596 -7.41 -20.02 10.47
CA LYS A 596 -8.60 -20.84 10.69
C LYS A 596 -9.65 -20.57 9.61
N ARG A 597 -9.85 -19.31 9.25
CA ARG A 597 -10.80 -18.99 8.19
C ARG A 597 -10.39 -19.65 6.86
N MET A 598 -9.13 -19.48 6.47
CA MET A 598 -8.66 -20.06 5.22
C MET A 598 -8.72 -21.58 5.27
N SER A 599 -8.52 -22.18 6.44
CA SER A 599 -8.65 -23.62 6.58
C SER A 599 -10.09 -24.06 6.35
N GLN A 600 -11.05 -23.26 6.79
CA GLN A 600 -12.43 -23.53 6.42
C GLN A 600 -12.59 -23.55 4.91
N LEU A 601 -11.83 -22.69 4.22
CA LEU A 601 -11.97 -22.60 2.77
C LEU A 601 -11.27 -23.73 2.01
N VAL A 602 -10.20 -24.33 2.57
CA VAL A 602 -9.42 -25.37 1.89
C VAL A 602 -9.32 -26.60 2.77
N LYS A 603 -9.34 -27.79 2.16
CA LYS A 603 -9.62 -29.01 2.92
C LYS A 603 -8.36 -29.74 3.37
N ASP A 604 -7.18 -29.20 3.08
CA ASP A 604 -5.95 -29.96 3.34
C ASP A 604 -5.46 -29.80 4.77
N VAL A 605 -5.55 -28.58 5.32
CA VAL A 605 -4.81 -28.23 6.52
C VAL A 605 -5.44 -28.89 7.74
N ASP A 606 -4.58 -29.40 8.64
CA ASP A 606 -5.02 -30.09 9.86
C ASP A 606 -4.55 -29.43 11.15
N LEU A 607 -3.50 -28.62 11.11
CA LEU A 607 -2.94 -28.04 12.33
C LEU A 607 -2.34 -26.67 12.02
N TYR A 608 -2.37 -25.79 13.01
CA TYR A 608 -1.62 -24.55 12.99
C TYR A 608 -0.63 -24.58 14.14
N VAL A 609 0.65 -24.49 13.82
CA VAL A 609 1.70 -24.34 14.80
C VAL A 609 2.31 -22.97 14.58
N ALA A 610 2.06 -22.05 15.50
CA ALA A 610 2.76 -20.78 15.42
C ALA A 610 4.25 -21.02 15.63
N THR A 611 5.06 -20.11 15.12
CA THR A 611 6.48 -20.32 15.26
C THR A 611 6.84 -20.34 16.74
N PRO A 612 7.41 -21.43 17.23
CA PRO A 612 7.72 -21.52 18.65
C PRO A 612 8.81 -20.53 19.03
N GLU A 613 8.79 -20.10 20.29
CA GLU A 613 9.80 -19.21 20.82
C GLU A 613 10.37 -19.79 22.10
N VAL A 614 11.70 -19.75 22.23
CA VAL A 614 12.37 -20.10 23.47
C VAL A 614 12.80 -18.80 24.15
N LYS A 615 12.32 -18.60 25.36
CA LYS A 615 12.59 -17.40 26.15
C LYS A 615 13.05 -17.80 27.54
N GLU A 616 13.93 -17.01 28.13
CA GLU A 616 14.28 -17.29 29.52
C GLU A 616 13.06 -17.07 30.41
N TYR A 617 13.00 -17.82 31.51
CA TYR A 617 11.83 -17.81 32.39
CA TYR A 617 11.84 -17.82 32.40
C TYR A 617 12.14 -17.00 33.65
N THR A 618 11.99 -15.69 33.52
CA THR A 618 12.09 -14.85 34.71
C THR A 618 10.84 -15.03 35.58
N GLY A 619 9.72 -15.36 34.96
CA GLY A 619 8.43 -15.30 35.59
C GLY A 619 7.69 -14.02 35.36
N ALA A 620 8.34 -13.04 34.74
CA ALA A 620 7.63 -11.85 34.30
C ALA A 620 6.69 -12.22 33.16
N TYR A 621 5.49 -11.65 33.19
CA TYR A 621 4.47 -11.90 32.18
C TYR A 621 4.16 -13.39 32.05
N SER A 622 4.13 -14.07 33.20
CA SER A 622 3.88 -15.51 33.26
C SER A 622 2.48 -15.85 33.73
N LYS A 623 1.70 -14.88 34.19
CA LYS A 623 0.40 -15.16 34.80
C LYS A 623 -0.60 -14.11 34.35
N PRO A 624 -1.90 -14.41 34.42
CA PRO A 624 -2.90 -13.47 33.89
C PRO A 624 -2.89 -12.11 34.57
N SER A 625 -2.60 -12.07 35.87
CA SER A 625 -2.56 -10.79 36.58
C SER A 625 -1.57 -9.83 35.95
N ASP A 626 -0.39 -10.34 35.57
CA ASP A 626 0.62 -9.49 34.96
C ASP A 626 0.07 -8.74 33.75
N PHE A 627 -0.92 -9.33 33.07
CA PHE A 627 -1.41 -8.75 31.85
C PHE A 627 -2.56 -7.78 32.06
N THR A 628 -2.78 -7.29 33.29
CA THR A 628 -3.92 -6.43 33.58
C THR A 628 -3.80 -5.06 32.94
N ASP A 629 -2.62 -4.43 33.03
CA ASP A 629 -2.46 -3.08 32.49
C ASP A 629 -2.72 -3.07 31.00
N LEU A 630 -3.48 -2.07 30.53
CA LEU A 630 -3.94 -2.06 29.15
C LEU A 630 -3.40 -0.88 28.35
N GLU A 631 -2.34 -0.25 28.82
CA GLU A 631 -1.79 0.91 28.12
C GLU A 631 -0.78 0.49 27.06
N THR A 632 -0.60 1.37 26.08
CA THR A 632 0.36 1.12 25.00
C THR A 632 1.80 1.12 25.53
N SER A 633 2.08 2.00 26.49
CA SER A 633 3.40 2.02 27.12
C SER A 633 3.73 0.67 27.76
N SER A 634 2.75 0.06 28.41
CA SER A 634 2.97 -1.26 29.00
C SER A 634 3.22 -2.31 27.93
N TYR A 635 2.56 -2.20 26.77
CA TYR A 635 2.85 -3.11 25.67
C TYR A 635 4.30 -3.01 25.23
N TYR A 636 4.81 -1.79 25.08
CA TYR A 636 6.18 -1.64 24.63
C TYR A 636 7.17 -2.10 25.70
N ASN A 637 6.83 -1.93 26.97
CA ASN A 637 7.69 -2.46 28.01
C ASN A 637 7.73 -3.99 27.98
N TYR A 638 6.58 -4.61 27.69
CA TYR A 638 6.55 -6.06 27.51
C TYR A 638 7.45 -6.50 26.36
N THR A 639 7.40 -5.76 25.24
CA THR A 639 8.22 -6.15 24.10
C THR A 639 9.71 -6.04 24.45
N TYR A 640 10.10 -5.01 25.20
CA TYR A 640 11.49 -4.90 25.65
C TYR A 640 11.88 -6.09 26.52
N ASN A 641 11.04 -6.45 27.48
CA ASN A 641 11.34 -7.59 28.34
C ASN A 641 11.45 -8.87 27.52
N ARG A 642 10.56 -9.07 26.55
CA ARG A 642 10.62 -10.25 25.71
C ARG A 642 11.94 -10.33 24.97
N ASN A 643 12.37 -9.23 24.37
CA ASN A 643 13.62 -9.25 23.62
C ASN A 643 14.81 -9.48 24.55
N ASP A 644 14.75 -8.92 25.76
CA ASP A 644 15.85 -9.13 26.71
C ASP A 644 15.81 -10.57 27.25
N ARG A 645 14.73 -11.29 26.99
CA ARG A 645 14.65 -12.69 27.44
C ARG A 645 14.82 -13.67 26.29
N LEU A 646 14.64 -13.22 25.05
CA LEU A 646 14.48 -14.13 23.92
C LEU A 646 15.77 -14.88 23.59
N LEU A 647 15.66 -16.21 23.47
CA LEU A 647 16.76 -17.09 23.08
C LEU A 647 16.45 -17.86 21.81
N SER A 648 15.57 -17.32 20.95
CA SER A 648 15.10 -18.00 19.75
C SER A 648 15.25 -17.09 18.54
N GLY A 649 15.26 -17.71 17.36
CA GLY A 649 15.33 -16.99 16.12
C GLY A 649 16.61 -16.20 15.96
N ASN A 650 16.48 -14.90 15.67
CA ASN A 650 17.65 -14.05 15.53
C ASN A 650 18.45 -13.98 16.82
N SER A 651 17.80 -14.19 17.96
CA SER A 651 18.46 -14.20 19.26
C SER A 651 18.93 -15.58 19.66
N LYS A 652 19.07 -16.50 18.70
CA LYS A 652 19.56 -17.84 19.00
C LYS A 652 20.96 -17.78 19.59
N SER A 653 21.71 -16.72 19.29
CA SER A 653 23.06 -16.55 19.81
C SER A 653 23.10 -15.87 21.16
N ARG A 654 21.95 -15.55 21.76
CA ARG A 654 21.96 -14.89 23.05
C ARG A 654 22.28 -15.87 24.18
N PHE A 655 22.21 -17.17 23.89
CA PHE A 655 22.55 -18.19 24.85
C PHE A 655 24.02 -18.06 25.26
N ASN A 656 24.32 -18.42 26.51
CA ASN A 656 25.66 -18.19 27.04
C ASN A 656 26.04 -19.29 28.01
N THR A 657 27.31 -19.25 28.44
CA THR A 657 27.82 -20.22 29.41
C THR A 657 27.15 -20.04 30.77
N ASN A 658 26.68 -18.83 31.07
CA ASN A 658 26.16 -18.55 32.40
CA ASN A 658 26.16 -18.54 32.40
C ASN A 658 24.80 -19.18 32.63
N MET A 659 24.09 -19.55 31.57
CA MET A 659 22.72 -20.03 31.70
C MET A 659 22.72 -21.48 32.20
N ASN A 660 23.28 -21.65 33.40
CA ASN A 660 23.15 -22.88 34.16
C ASN A 660 22.41 -22.54 35.44
N GLY A 661 21.43 -23.35 35.78
CA GLY A 661 20.52 -23.00 36.86
C GLY A 661 19.39 -22.09 36.45
N LYS A 662 19.25 -21.81 35.16
CA LYS A 662 18.24 -20.90 34.67
C LYS A 662 17.19 -21.66 33.89
N LYS A 663 15.92 -21.36 34.17
CA LYS A 663 14.84 -21.98 33.43
C LYS A 663 14.69 -21.32 32.06
N ILE A 664 14.46 -22.13 31.04
CA ILE A 664 14.18 -21.67 29.69
C ILE A 664 12.84 -22.26 29.29
N GLU A 665 12.02 -21.47 28.61
CA GLU A 665 10.66 -21.84 28.30
C GLU A 665 10.45 -21.83 26.79
N LEU A 666 10.11 -22.98 26.24
CA LEU A 666 9.63 -23.10 24.87
C LEU A 666 8.14 -22.91 24.89
N ARG A 667 7.63 -22.12 23.95
CA ARG A 667 6.21 -21.79 23.97
C ARG A 667 5.71 -21.57 22.55
N THR A 668 4.57 -22.17 22.24
CA THR A 668 3.88 -21.94 20.98
C THR A 668 2.38 -21.99 21.22
N VAL A 669 1.61 -21.52 20.24
CA VAL A 669 0.16 -21.71 20.25
C VAL A 669 -0.20 -22.64 19.10
N ILE A 670 -0.92 -23.71 19.41
CA ILE A 670 -1.28 -24.72 18.43
C ILE A 670 -2.79 -24.78 18.35
N GLN A 671 -3.32 -24.66 17.14
CA GLN A 671 -4.74 -24.77 16.89
C GLN A 671 -5.00 -26.02 16.07
N ASN A 672 -5.92 -26.85 16.56
CA ASN A 672 -6.30 -28.08 15.92
C ASN A 672 -7.43 -27.78 14.95
N ILE A 673 -7.15 -27.88 13.65
CA ILE A 673 -8.15 -27.55 12.65
C ILE A 673 -9.17 -28.65 12.46
N SER A 674 -9.01 -29.79 13.11
CA SER A 674 -9.88 -30.94 12.91
C SER A 674 -10.86 -31.05 14.07
N ASP A 675 -12.15 -31.00 13.76
CA ASP A 675 -13.18 -31.14 14.78
C ASP A 675 -13.32 -32.59 15.22
N LYS A 676 -12.88 -33.53 14.38
CA LYS A 676 -13.13 -34.93 14.65
C LYS A 676 -12.06 -35.54 15.55
N ASN A 677 -10.78 -35.32 15.27
CA ASN A 677 -9.76 -36.08 15.96
CA ASN A 677 -9.71 -36.08 15.89
C ASN A 677 -8.72 -35.17 16.61
N ALA A 678 -8.46 -35.46 17.88
CA ALA A 678 -7.52 -34.73 18.72
C ALA A 678 -6.09 -35.13 18.38
N ARG A 679 -5.15 -34.24 18.70
CA ARG A 679 -3.79 -34.40 18.21
C ARG A 679 -2.80 -34.38 19.36
N GLN A 680 -1.93 -35.39 19.44
CA GLN A 680 -0.85 -35.41 20.40
C GLN A 680 0.42 -34.94 19.72
N LEU A 681 1.02 -33.87 20.23
CA LEU A 681 2.25 -33.31 19.67
C LEU A 681 3.33 -33.32 20.76
N LYS A 682 4.50 -33.84 20.41
CA LYS A 682 5.63 -33.91 21.30
C LYS A 682 6.54 -32.70 21.12
N PHE A 683 7.04 -32.16 22.22
CA PHE A 683 7.98 -31.05 22.19
C PHE A 683 9.30 -31.50 22.77
N LYS A 684 10.39 -31.21 22.07
CA LYS A 684 11.72 -31.63 22.50
C LYS A 684 12.64 -30.41 22.46
N MET A 685 13.31 -30.14 23.58
CA MET A 685 14.19 -28.98 23.69
C MET A 685 15.49 -29.42 24.35
N TRP A 686 16.59 -29.34 23.62
CA TRP A 686 17.90 -29.72 24.10
C TRP A 686 18.90 -28.62 23.80
N ILE A 687 19.86 -28.42 24.70
CA ILE A 687 20.95 -27.49 24.43
C ILE A 687 21.88 -28.14 23.41
N LYS A 688 22.23 -27.38 22.36
CA LYS A 688 22.96 -27.89 21.21
CA LYS A 688 22.96 -27.89 21.21
C LYS A 688 24.34 -27.26 21.14
N HIS A 689 25.36 -28.10 21.06
CA HIS A 689 26.71 -27.61 20.85
C HIS A 689 26.88 -27.16 19.41
N SER A 690 27.83 -26.24 19.19
CA SER A 690 28.13 -25.79 17.83
C SER A 690 28.50 -26.97 16.94
N ASP A 691 29.20 -27.95 17.53
CA ASP A 691 29.51 -29.22 16.89
C ASP A 691 28.24 -29.97 16.47
N GLY A 692 27.17 -29.84 17.25
CA GLY A 692 25.90 -30.46 16.93
C GLY A 692 25.46 -31.57 17.85
N SER A 693 26.30 -31.99 18.78
CA SER A 693 25.90 -33.01 19.75
C SER A 693 25.16 -32.36 20.91
N VAL A 694 24.25 -33.14 21.51
CA VAL A 694 23.45 -32.63 22.62
C VAL A 694 24.37 -32.40 23.83
N ALA A 695 24.20 -31.25 24.48
CA ALA A 695 25.03 -30.90 25.61
C ALA A 695 24.69 -31.75 26.83
N THR A 696 25.62 -31.82 27.77
CA THR A 696 25.53 -32.73 28.91
C THR A 696 25.78 -31.98 30.22
N ASP A 697 25.30 -32.56 31.33
CA ASP A 697 25.70 -32.12 32.66
C ASP A 697 27.05 -32.75 33.00
N SER A 698 27.53 -32.54 34.23
CA SER A 698 28.84 -33.09 34.57
C SER A 698 28.81 -34.62 34.52
N SER A 699 27.75 -35.23 35.05
CA SER A 699 27.63 -36.68 35.10
C SER A 699 27.30 -37.31 33.75
N GLY A 700 27.25 -36.52 32.67
CA GLY A 700 27.07 -37.07 31.35
C GLY A 700 25.63 -37.19 30.89
N ASN A 701 24.67 -37.02 31.79
CA ASN A 701 23.27 -37.06 31.40
C ASN A 701 23.00 -35.99 30.34
N PRO A 702 22.32 -36.33 29.24
CA PRO A 702 22.01 -35.31 28.24
C PRO A 702 21.08 -34.25 28.79
N LEU A 703 21.28 -33.01 28.36
CA LEU A 703 20.42 -31.90 28.72
C LEU A 703 19.32 -31.78 27.68
N GLN A 704 18.18 -32.40 27.93
CA GLN A 704 17.07 -32.40 26.99
C GLN A 704 15.78 -32.59 27.77
N THR A 705 14.70 -32.03 27.22
CA THR A 705 13.38 -32.20 27.80
C THR A 705 12.38 -32.58 26.74
N VAL A 706 11.47 -33.48 27.10
CA VAL A 706 10.40 -33.98 26.24
C VAL A 706 9.09 -33.79 26.98
N GLN A 707 8.09 -33.22 26.30
CA GLN A 707 6.76 -33.11 26.88
C GLN A 707 5.73 -33.25 25.79
N THR A 708 4.74 -34.12 26.01
CA THR A 708 3.71 -34.40 25.03
C THR A 708 2.43 -33.66 25.40
N PHE A 709 2.00 -32.76 24.54
CA PHE A 709 0.81 -31.95 24.73
C PHE A 709 -0.27 -32.47 23.82
N ASP A 710 -1.47 -32.73 24.34
CA ASP A 710 -2.55 -33.12 23.44
C ASP A 710 -3.50 -31.94 23.24
N ILE A 711 -3.67 -31.59 21.97
CA ILE A 711 -4.45 -30.44 21.54
C ILE A 711 -5.87 -30.92 21.25
N PRO A 712 -6.89 -30.23 21.76
CA PRO A 712 -8.26 -30.71 21.65
C PRO A 712 -8.87 -30.41 20.29
N VAL A 713 -10.07 -30.96 20.10
CA VAL A 713 -10.80 -30.82 18.85
C VAL A 713 -11.44 -29.43 18.75
N TRP A 714 -11.83 -29.06 17.53
CA TRP A 714 -12.45 -27.76 17.25
C TRP A 714 -13.95 -27.94 17.03
N ASN A 715 -14.70 -27.94 18.13
CA ASN A 715 -16.15 -28.14 18.05
CA ASN A 715 -16.14 -28.15 18.04
C ASN A 715 -16.86 -26.92 17.48
N ASP A 716 -16.42 -25.73 17.82
CA ASP A 716 -17.09 -24.54 17.35
C ASP A 716 -16.74 -24.22 15.90
N LYS A 717 -16.14 -25.18 15.21
CA LYS A 717 -15.75 -24.99 13.82
C LYS A 717 -16.92 -24.55 12.97
N ALA A 718 -18.07 -25.18 13.16
CA ALA A 718 -19.23 -24.85 12.34
C ALA A 718 -19.63 -23.39 12.52
N ASN A 719 -19.35 -22.82 13.69
CA ASN A 719 -19.77 -21.46 13.95
C ASN A 719 -18.74 -20.41 13.54
N PHE A 720 -17.49 -20.81 13.28
CA PHE A 720 -16.44 -19.88 12.87
C PHE A 720 -16.30 -19.94 11.36
N TRP A 721 -16.77 -18.90 10.69
CA TRP A 721 -16.62 -18.70 9.25
C TRP A 721 -16.68 -19.99 8.43
N PRO A 722 -17.74 -20.78 8.56
CA PRO A 722 -17.88 -21.95 7.70
C PRO A 722 -18.09 -21.51 6.27
N LEU A 723 -17.74 -22.38 5.34
CA LEU A 723 -18.11 -22.11 3.96
C LEU A 723 -19.62 -22.05 3.85
N GLY A 724 -20.13 -21.01 3.18
CA GLY A 724 -21.54 -20.77 3.16
C GLY A 724 -22.06 -19.94 4.30
N ALA A 725 -21.24 -19.05 4.86
CA ALA A 725 -21.61 -18.27 6.02
C ALA A 725 -21.68 -16.80 5.67
N LEU A 726 -22.79 -16.17 6.05
CA LEU A 726 -22.91 -14.73 5.83
C LEU A 726 -22.10 -13.92 6.84
N ASP A 727 -21.93 -14.42 8.06
CA ASP A 727 -21.26 -13.63 9.09
C ASP A 727 -20.77 -14.52 10.21
N HIS A 728 -19.83 -13.98 10.99
CA HIS A 728 -19.36 -14.57 12.24
C HIS A 728 -20.14 -13.95 13.42
N ILE A 729 -21.29 -14.56 13.73
CA ILE A 729 -22.17 -13.95 14.72
C ILE A 729 -21.70 -14.26 16.13
N LYS A 730 -21.04 -15.41 16.32
CA LYS A 730 -20.55 -15.83 17.63
C LYS A 730 -19.64 -17.03 17.44
N SER A 731 -18.56 -17.09 18.24
CA SER A 731 -17.69 -18.25 18.24
C SER A 731 -16.77 -18.18 19.47
N ASP A 732 -16.08 -19.30 19.72
CA ASP A 732 -15.16 -19.44 20.84
C ASP A 732 -13.72 -19.42 20.34
N PHE A 733 -12.95 -18.47 20.84
CA PHE A 733 -11.53 -18.35 20.52
C PHE A 733 -10.76 -19.57 21.00
N ASN A 734 -11.14 -20.12 22.15
CA ASN A 734 -10.30 -21.11 22.81
C ASN A 734 -10.52 -22.52 22.30
N SER A 735 -11.54 -22.73 21.47
CA SER A 735 -11.84 -24.07 20.97
C SER A 735 -10.76 -24.56 20.02
N GLY A 736 -10.19 -25.72 20.33
CA GLY A 736 -9.13 -26.29 19.53
C GLY A 736 -7.78 -25.65 19.74
N LEU A 737 -7.67 -24.74 20.68
CA LEU A 737 -6.49 -23.93 20.87
C LEU A 737 -5.83 -24.33 22.17
N LYS A 738 -4.54 -24.67 22.11
CA LYS A 738 -3.75 -24.86 23.32
C LYS A 738 -2.49 -24.03 23.21
N SER A 739 -2.18 -23.31 24.28
CA SER A 739 -0.90 -22.63 24.45
C SER A 739 0.05 -23.58 25.16
N CYS A 740 1.02 -24.11 24.41
CA CYS A 740 1.91 -25.15 24.90
C CYS A 740 3.21 -24.53 25.40
N SER A 741 3.53 -24.79 26.66
CA SER A 741 4.73 -24.29 27.31
C SER A 741 5.50 -25.46 27.90
N LEU A 742 6.75 -25.60 27.48
CA LEU A 742 7.68 -26.56 28.06
C LEU A 742 8.77 -25.77 28.77
N ILE A 743 8.93 -25.99 30.06
CA ILE A 743 9.89 -25.26 30.87
C ILE A 743 10.98 -26.23 31.31
N TYR A 744 12.24 -25.90 31.02
CA TYR A 744 13.38 -26.74 31.32
C TYR A 744 14.31 -26.00 32.26
N GLN A 745 14.65 -26.63 33.37
CA GLN A 745 15.67 -26.10 34.27
C GLN A 745 17.02 -26.60 33.78
N ILE A 746 17.81 -25.70 33.21
CA ILE A 746 19.19 -26.06 32.89
C ILE A 746 19.92 -26.39 34.18
N PRO A 747 20.60 -27.52 34.28
CA PRO A 747 21.20 -27.91 35.55
C PRO A 747 22.27 -26.93 36.00
N SER A 748 22.42 -26.81 37.32
CA SER A 748 23.39 -25.88 37.90
C SER A 748 24.82 -26.33 37.62
N ASP A 749 25.04 -27.62 37.42
CA ASP A 749 26.34 -28.19 37.08
C ASP A 749 26.51 -28.38 35.59
N ALA A 750 25.59 -27.87 34.78
CA ALA A 750 25.60 -28.12 33.35
C ALA A 750 26.92 -27.70 32.73
N GLN A 751 27.30 -28.39 31.66
CA GLN A 751 28.52 -28.09 30.92
C GLN A 751 28.15 -27.27 29.69
N LEU A 752 28.42 -25.98 29.74
CA LEU A 752 28.11 -25.07 28.65
C LEU A 752 29.40 -24.45 28.15
N LYS A 753 29.53 -24.37 26.83
CA LYS A 753 30.68 -23.80 26.16
C LYS A 753 30.21 -22.65 25.27
N SER A 754 31.15 -21.99 24.62
CA SER A 754 30.79 -20.92 23.70
C SER A 754 30.04 -21.49 22.49
N GLY A 755 29.02 -20.76 22.05
CA GLY A 755 28.30 -21.14 20.85
C GLY A 755 27.17 -22.13 21.02
N ASP A 756 26.91 -22.59 22.24
CA ASP A 756 25.78 -23.46 22.49
C ASP A 756 24.48 -22.68 22.30
N THR A 757 23.48 -23.34 21.71
CA THR A 757 22.22 -22.69 21.40
C THR A 757 21.07 -23.65 21.68
N VAL A 758 19.90 -23.10 22.03
CA VAL A 758 18.74 -23.95 22.33
C VAL A 758 18.17 -24.49 21.02
N ALA A 759 17.99 -25.80 20.95
CA ALA A 759 17.44 -26.46 19.77
C ALA A 759 16.16 -27.16 20.15
N PHE A 760 15.09 -26.96 19.37
CA PHE A 760 13.81 -27.55 19.69
C PHE A 760 13.14 -28.13 18.45
N GLN A 761 12.56 -29.31 18.60
CA GLN A 761 11.72 -29.94 17.58
CA GLN A 761 11.70 -29.88 17.56
C GLN A 761 10.30 -30.05 18.13
N VAL A 762 9.33 -29.53 17.38
CA VAL A 762 7.92 -29.82 17.63
C VAL A 762 7.57 -30.96 16.71
N LEU A 763 7.37 -32.14 17.27
CA LEU A 763 7.15 -33.37 16.54
C LEU A 763 5.69 -33.76 16.65
N ASP A 764 5.15 -34.36 15.59
CA ASP A 764 3.88 -35.04 15.74
C ASP A 764 4.10 -36.48 16.15
N GLU A 765 3.00 -37.25 16.21
CA GLU A 765 3.06 -38.62 16.68
C GLU A 765 4.00 -39.48 15.83
N ASN A 766 4.00 -39.28 14.52
CA ASN A 766 4.85 -40.03 13.60
C ASN A 766 6.29 -39.54 13.57
N GLY A 767 6.60 -38.42 14.22
CA GLY A 767 7.96 -37.92 14.22
C GLY A 767 8.28 -36.88 13.18
N ASN A 768 7.33 -36.50 12.34
CA ASN A 768 7.54 -35.38 11.44
C ASN A 768 7.73 -34.09 12.23
N VAL A 769 8.71 -33.29 11.81
CA VAL A 769 9.10 -32.09 12.55
C VAL A 769 8.28 -30.92 12.00
N LEU A 770 7.26 -30.52 12.75
CA LEU A 770 6.41 -29.40 12.34
C LEU A 770 7.15 -28.07 12.46
N ALA A 771 7.95 -27.89 13.51
CA ALA A 771 8.72 -26.69 13.71
C ALA A 771 10.05 -27.04 14.36
N ASP A 772 11.08 -26.24 14.08
CA ASP A 772 12.35 -26.39 14.78
C ASP A 772 13.00 -25.03 14.89
N ASP A 773 14.18 -25.00 15.52
CA ASP A 773 14.81 -23.73 15.86
C ASP A 773 15.22 -22.95 14.61
N ASN A 774 15.20 -23.61 13.45
CA ASN A 774 15.59 -22.95 12.21
C ASN A 774 14.41 -22.24 11.57
N THR A 775 13.18 -22.58 11.96
CA THR A 775 11.98 -22.14 11.27
C THR A 775 11.83 -20.62 11.19
N GLU A 776 12.03 -19.93 12.32
CA GLU A 776 11.80 -18.50 12.36
C GLU A 776 12.68 -17.77 11.35
N THR A 777 13.92 -18.21 11.22
CA THR A 777 14.90 -17.59 10.34
C THR A 777 15.01 -18.27 8.98
N GLN A 778 14.20 -19.29 8.68
CA GLN A 778 14.49 -20.10 7.53
C GLN A 778 14.28 -19.33 6.24
N ARG A 779 15.11 -19.65 5.26
CA ARG A 779 15.15 -18.97 3.98
C ARG A 779 13.87 -19.22 3.20
N TYR A 780 13.34 -18.19 2.58
CA TYR A 780 12.19 -18.32 1.71
C TYR A 780 12.64 -18.04 0.28
N THR A 781 12.42 -19.03 -0.58
CA THR A 781 12.89 -19.00 -1.95
C THR A 781 11.71 -18.79 -2.88
N THR A 782 11.90 -17.90 -3.85
CA THR A 782 10.84 -17.53 -4.77
C THR A 782 10.62 -18.63 -5.80
N VAL A 783 9.38 -19.06 -5.95
CA VAL A 783 8.97 -20.02 -6.96
C VAL A 783 8.04 -19.30 -7.93
N SER A 784 8.34 -19.43 -9.22
CA SER A 784 7.53 -18.87 -10.28
C SER A 784 6.77 -20.00 -10.96
N ILE A 785 5.45 -19.88 -11.01
CA ILE A 785 4.61 -20.86 -11.70
C ILE A 785 4.37 -20.36 -13.10
N GLN A 786 4.61 -21.23 -14.08
CA GLN A 786 4.47 -20.90 -15.48
C GLN A 786 3.56 -21.91 -16.16
N TYR A 787 2.81 -21.43 -17.13
CA TYR A 787 1.84 -22.24 -17.83
C TYR A 787 2.22 -22.21 -19.31
N LYS A 788 2.57 -23.38 -19.85
CA LYS A 788 3.15 -23.48 -21.18
C LYS A 788 2.51 -24.61 -21.97
N PHE A 789 2.60 -24.49 -23.28
CA PHE A 789 2.23 -25.58 -24.16
C PHE A 789 3.39 -26.58 -24.27
N GLU A 790 3.10 -27.71 -24.92
CA GLU A 790 4.08 -28.78 -25.06
C GLU A 790 5.35 -28.31 -25.75
N ASP A 791 5.20 -27.57 -26.84
CA ASP A 791 6.29 -27.00 -27.62
C ASP A 791 7.04 -25.93 -26.87
N GLY A 792 6.68 -25.63 -25.64
CA GLY A 792 7.33 -24.61 -24.87
C GLY A 792 6.83 -23.20 -25.10
N SER A 793 5.83 -23.01 -25.95
CA SER A 793 5.29 -21.67 -26.13
C SER A 793 4.37 -21.31 -24.97
N GLU A 794 4.47 -20.05 -24.57
CA GLU A 794 3.68 -19.51 -23.48
C GLU A 794 2.18 -19.60 -23.77
N ILE A 795 1.41 -20.08 -22.80
CA ILE A 795 -0.04 -20.10 -22.98
C ILE A 795 -0.57 -18.67 -22.92
N PRO A 796 -1.34 -18.20 -23.89
CA PRO A 796 -1.88 -16.86 -23.82
C PRO A 796 -2.88 -16.73 -22.69
N ASN A 797 -2.98 -15.51 -22.14
CA ASN A 797 -3.86 -15.13 -21.04
C ASN A 797 -3.42 -15.71 -19.71
N THR A 798 -2.17 -16.13 -19.58
CA THR A 798 -1.60 -16.57 -18.32
C THR A 798 -0.39 -15.70 -18.00
N ALA A 799 -0.37 -15.15 -16.80
CA ALA A 799 0.70 -14.27 -16.33
C ALA A 799 1.17 -14.80 -14.98
N GLY A 800 2.07 -15.77 -15.01
CA GLY A 800 2.38 -16.50 -13.79
C GLY A 800 3.07 -15.63 -12.77
N GLY A 801 2.61 -15.74 -11.51
CA GLY A 801 3.18 -15.00 -10.42
C GLY A 801 4.31 -15.75 -9.73
N THR A 802 4.91 -15.08 -8.76
CA THR A 802 5.98 -15.63 -7.96
C THR A 802 5.54 -15.63 -6.50
N PHE A 803 5.62 -16.79 -5.86
CA PHE A 803 5.30 -16.91 -4.45
C PHE A 803 6.47 -17.57 -3.73
N THR A 804 6.64 -17.25 -2.46
CA THR A 804 7.78 -17.74 -1.70
C THR A 804 7.41 -19.03 -0.98
N VAL A 805 8.26 -20.04 -1.12
CA VAL A 805 8.11 -21.26 -0.33
C VAL A 805 9.35 -21.43 0.52
N PRO A 806 9.28 -22.10 1.65
CA PRO A 806 10.49 -22.32 2.46
C PRO A 806 11.53 -23.13 1.67
N TYR A 807 12.80 -22.88 1.96
CA TYR A 807 13.87 -23.58 1.25
C TYR A 807 13.77 -25.08 1.46
N GLY A 808 13.96 -25.84 0.39
CA GLY A 808 13.84 -27.27 0.43
C GLY A 808 12.41 -27.77 0.42
N THR A 809 11.44 -26.88 0.34
CA THR A 809 10.05 -27.29 0.22
C THR A 809 9.87 -28.05 -1.09
N LYS A 810 9.16 -29.16 -1.02
CA LYS A 810 8.80 -29.92 -2.20
C LYS A 810 7.32 -29.71 -2.44
N LEU A 811 7.00 -28.90 -3.44
CA LEU A 811 5.61 -28.58 -3.71
C LEU A 811 4.90 -29.83 -4.23
N ASP A 812 3.88 -30.27 -3.49
CA ASP A 812 3.12 -31.45 -3.83
C ASP A 812 1.65 -31.07 -3.90
N LEU A 813 1.27 -30.49 -5.03
CA LEU A 813 -0.08 -30.01 -5.28
C LEU A 813 -0.55 -30.64 -6.56
N THR A 814 -1.67 -31.35 -6.51
CA THR A 814 -2.14 -31.99 -7.72
C THR A 814 -2.46 -30.92 -8.75
N PRO A 815 -1.78 -30.93 -9.90
CA PRO A 815 -2.01 -29.86 -10.87
C PRO A 815 -3.43 -29.90 -11.40
N ALA A 816 -3.95 -28.72 -11.75
CA ALA A 816 -5.32 -28.63 -12.21
C ALA A 816 -5.48 -29.36 -13.52
N LYS A 817 -6.56 -30.15 -13.61
CA LYS A 817 -6.81 -31.00 -14.76
C LYS A 817 -6.89 -30.19 -16.05
N THR A 818 -7.58 -29.05 -15.99
CA THR A 818 -7.81 -28.20 -17.15
C THR A 818 -7.43 -26.77 -16.81
N LEU A 819 -6.72 -26.11 -17.72
CA LEU A 819 -6.53 -24.66 -17.69
C LEU A 819 -7.29 -24.11 -18.87
N TYR A 820 -8.37 -23.39 -18.61
CA TYR A 820 -9.30 -22.99 -19.67
C TYR A 820 -9.74 -24.28 -20.35
N ASP A 821 -9.80 -24.31 -21.69
CA ASP A 821 -10.16 -25.55 -22.37
C ASP A 821 -8.96 -26.43 -22.59
N TYR A 822 -7.77 -25.97 -22.20
CA TYR A 822 -6.55 -26.74 -22.36
C TYR A 822 -6.45 -27.82 -21.29
N GLU A 823 -5.86 -28.95 -21.67
CA GLU A 823 -5.83 -30.14 -20.84
C GLU A 823 -4.39 -30.47 -20.44
N PHE A 824 -4.21 -30.79 -19.16
CA PHE A 824 -2.89 -30.86 -18.53
C PHE A 824 -2.17 -32.14 -18.91
N ILE A 825 -0.95 -32.00 -19.43
CA ILE A 825 -0.15 -33.16 -19.80
C ILE A 825 0.97 -33.40 -18.79
N LYS A 826 1.67 -32.38 -18.32
CA LYS A 826 2.75 -32.68 -17.37
C LYS A 826 3.09 -31.47 -16.52
N VAL A 827 3.76 -31.71 -15.40
CA VAL A 827 4.25 -30.64 -14.54
C VAL A 827 5.74 -30.85 -14.35
N ASP A 828 6.49 -29.75 -14.39
CA ASP A 828 7.93 -29.76 -14.33
C ASP A 828 8.35 -28.94 -13.11
N GLY A 829 9.07 -29.55 -12.19
CA GLY A 829 9.50 -28.89 -10.98
C GLY A 829 8.73 -29.22 -9.72
N LEU A 830 7.65 -29.99 -9.81
CA LEU A 830 6.96 -30.41 -8.59
C LEU A 830 7.68 -31.61 -7.98
N ASN A 831 7.46 -31.79 -6.68
CA ASN A 831 8.02 -32.91 -5.92
C ASN A 831 9.54 -32.93 -6.03
N LYS A 832 10.15 -31.77 -6.03
CA LYS A 832 11.59 -31.54 -6.10
C LYS A 832 11.91 -30.43 -5.11
N PRO A 833 13.04 -30.52 -4.41
CA PRO A 833 13.40 -29.43 -3.50
C PRO A 833 13.57 -28.12 -4.25
N ILE A 834 12.98 -27.07 -3.70
CA ILE A 834 13.15 -25.72 -4.23
C ILE A 834 14.29 -25.09 -3.47
N VAL A 835 15.36 -24.75 -4.19
CA VAL A 835 16.62 -24.36 -3.53
C VAL A 835 17.12 -23.02 -4.04
N SER A 836 16.55 -22.53 -5.15
CA SER A 836 17.05 -21.33 -5.79
C SER A 836 15.94 -20.29 -5.91
N ASP A 837 16.28 -19.04 -5.61
CA ASP A 837 15.37 -17.94 -5.91
C ASP A 837 15.19 -17.84 -7.42
N GLY A 838 13.95 -17.81 -7.85
CA GLY A 838 13.66 -17.85 -9.26
C GLY A 838 13.47 -19.23 -9.85
N THR A 839 13.24 -20.24 -9.01
CA THR A 839 12.89 -21.56 -9.53
C THR A 839 11.55 -21.49 -10.26
N VAL A 840 11.47 -22.16 -11.39
CA VAL A 840 10.30 -22.12 -12.26
C VAL A 840 9.66 -23.49 -12.32
N VAL A 841 8.38 -23.57 -11.97
CA VAL A 841 7.56 -24.75 -12.14
C VAL A 841 6.72 -24.53 -13.38
N THR A 842 6.85 -25.40 -14.36
CA THR A 842 6.15 -25.23 -15.62
C THR A 842 5.07 -26.30 -15.73
N TYR A 843 3.83 -25.86 -15.80
CA TYR A 843 2.69 -26.73 -16.07
C TYR A 843 2.48 -26.73 -17.57
N TYR A 844 2.53 -27.91 -18.18
CA TYR A 844 2.35 -28.07 -19.61
C TYR A 844 0.95 -28.57 -19.88
N TYR A 845 0.22 -27.79 -20.67
CA TYR A 845 -1.14 -28.02 -21.14
C TYR A 845 -1.09 -28.15 -22.66
N LYS A 846 -2.10 -28.79 -23.23
CA LYS A 846 -2.04 -29.24 -24.61
C LYS A 846 -3.11 -28.56 -25.47
N ASN A 847 -2.66 -27.85 -26.52
CA ASN A 847 -3.43 -27.46 -27.71
C ASN A 847 -2.70 -26.33 -28.45
ZN ZN B . -6.18 25.64 -11.65
ZN ZN C . -4.04 -7.91 14.43
ZN ZN D . -9.27 -1.76 7.47
C1 GOL E . -10.98 0.91 6.52
O1 GOL E . -12.21 0.73 5.87
C2 GOL E . -9.94 1.34 5.51
O2 GOL E . -8.82 1.84 6.19
C3 GOL E . -9.57 0.14 4.66
O3 GOL E . -9.41 -0.93 5.55
N1 AZI F . -6.05 -1.12 34.20
N2 AZI F . -5.94 -0.52 33.20
N3 AZI F . -5.74 0.00 32.18
N1 AZI G . 20.01 19.84 -26.45
N2 AZI G . 20.72 20.26 -27.27
N3 AZI G . 21.52 20.68 -28.02
N1 AZI H . -0.76 26.31 5.90
N2 AZI H . 0.08 26.77 5.23
N3 AZI H . 0.95 27.26 4.64
N1 AZI I . -23.36 -19.24 14.24
N2 AZI I . -22.59 -18.41 13.97
N3 AZI I . -21.78 -17.59 13.79
N1 AZI J . -29.42 8.32 -19.02
N2 AZI J . -28.49 8.60 -18.38
N3 AZI J . -27.61 8.85 -17.65
N1 AZI K . -2.22 -16.06 30.68
N2 AZI K . -1.22 -16.34 30.14
N3 AZI K . -0.24 -16.71 29.63
N1 AZI L . -20.22 -1.75 19.43
N2 AZI L . -19.42 -1.27 18.74
N3 AZI L . -18.59 -0.89 18.01
#